data_4LUT
#
_entry.id   4LUT
#
_cell.length_a   57.840
_cell.length_b   138.970
_cell.length_c   144.890
_cell.angle_alpha   90.00
_cell.angle_beta   90.00
_cell.angle_gamma   90.00
#
_symmetry.space_group_name_H-M   'P 21 21 21'
#
loop_
_entity.id
_entity.type
_entity.pdbx_description
1 polymer 'Alanine racemase'
2 polymer 'Alanine racemase'
3 non-polymer D-[3-HYDROXY-2-METHYL-5-PHOSPHONOOXYMETHYL-PYRIDIN-4-YLMETHYL]-N,O-CYCLOSERYLAMIDE
4 water water
#
loop_
_entity_poly.entity_id
_entity_poly.type
_entity_poly.pdbx_seq_one_letter_code
_entity_poly.pdbx_strand_id
1 'polypeptide(L)'
;MQKITVPTWAEINLDNLRFNLNNIKNLLEEDIKICGVIKADAYGHGAVEVAKLLEKEKVDYLAVARTAEGIELRQNGITL
PILNLGYTPDEAFEDSIKNKITMTVYSLETAQKINEIAKSLGEKACVHVKIDSGMTRIGFQPNEESVQEIIELNKLEYID
LEGMFTHFATADEVSKEYTYKQANNYKFMSDKLDEAGVKIAIKHVSNSAAIMDCPDLRLNMVRAGIILYGHYPSDDVFKD
RLELRPAMKLKSKIGHIKQVEPGVGISYGLKYTTTGKETIATVPIGYADGFTRIQKNPKVLIKGEVFDVVGRICMDQIMV
RIDKDIDIKVGDEVILFGEGEVTAERIAKDLGTINYEVLCMISRRVDRVYMENNELVQINSYLLK
;
A
2 'polypeptide(L)'
;MQKITVPTWAEINLDNLRFNLNNIKNLLEEDIKICGVIKADAYGHGAVEVAKLLEKEKVDYLAVARTAEGIELRQNGITL
PILNLGYTPDEAFEDSIKNKITMTVYSLETAQKINEIAKSLGEKACVHV(KCX)IDSGMTRIGFQPNEESVQEIIELNKL
EYIDLEGMFTHFATADEVSKEYTYKQANNYKFMSDKLDEAGVKIAIKHVSNSAAIMDCPDLRLNMVRAGIILYGHYPSDD
VFKDRLELRPAMKLKSKIGHIKQVEPGVGISYGLKYTTTGKETIATVPIGYADGFTRIQKNPKVLIKGEVFDVVGRICMD
QIMVRIDKDIDIKVGDEVILFGEGEVTAERIAKDLGTINYEVLCMISRRVDRVYMENNELVQINSYLLK
;
B
#
loop_
_chem_comp.id
_chem_comp.type
_chem_comp.name
_chem_comp.formula
DCS non-polymer D-[3-HYDROXY-2-METHYL-5-PHOSPHONOOXYMETHYL-PYRIDIN-4-YLMETHYL]-N,O-CYCLOSERYLAMIDE 'C11 H16 N3 O7 P'
#
# COMPACT_ATOMS: atom_id res chain seq x y z
N LYS A 3 6.28 20.10 -11.08
CA LYS A 3 7.33 19.13 -11.53
C LYS A 3 7.27 17.74 -10.85
N ILE A 4 6.81 16.73 -11.59
CA ILE A 4 6.77 15.34 -11.07
C ILE A 4 8.14 14.66 -11.18
N THR A 5 8.71 14.27 -10.04
CA THR A 5 10.01 13.62 -10.03
C THR A 5 9.94 12.13 -9.74
N VAL A 6 8.78 11.63 -9.35
CA VAL A 6 8.61 10.19 -9.14
C VAL A 6 8.29 9.52 -10.47
N PRO A 7 8.70 8.26 -10.65
CA PRO A 7 8.40 7.54 -11.87
C PRO A 7 6.96 7.03 -11.94
N THR A 8 6.30 6.93 -10.78
CA THR A 8 4.96 6.35 -10.71
C THR A 8 4.13 7.18 -9.76
N TRP A 9 2.95 7.60 -10.21
CA TRP A 9 2.08 8.45 -9.40
C TRP A 9 0.60 8.13 -9.59
N ALA A 10 -0.21 8.60 -8.64
CA ALA A 10 -1.66 8.55 -8.75
C ALA A 10 -2.14 9.95 -9.06
N GLU A 11 -2.66 10.13 -10.27
CA GLU A 11 -3.19 11.41 -10.72
C GLU A 11 -4.65 11.56 -10.34
N ILE A 12 -4.94 12.58 -9.55
CA ILE A 12 -6.29 12.77 -9.07
C ILE A 12 -6.87 14.01 -9.75
N ASN A 13 -7.98 13.82 -10.44
CA ASN A 13 -8.63 14.92 -11.13
C ASN A 13 -9.64 15.57 -10.24
N LEU A 14 -9.29 16.74 -9.72
CA LEU A 14 -10.17 17.49 -8.83
C LEU A 14 -11.46 17.93 -9.52
N ASP A 15 -11.37 18.26 -10.80
CA ASP A 15 -12.55 18.64 -11.57
C ASP A 15 -13.60 17.55 -11.57
N ASN A 16 -13.17 16.32 -11.74
CA ASN A 16 -14.10 15.19 -11.75
C ASN A 16 -14.76 14.98 -10.38
N LEU A 17 -14.00 15.16 -9.30
CA LEU A 17 -14.56 15.09 -7.95
C LEU A 17 -15.68 16.10 -7.80
N ARG A 18 -15.44 17.34 -8.24
CA ARG A 18 -16.48 18.37 -8.15
C ARG A 18 -17.70 17.99 -8.97
N PHE A 19 -17.48 17.44 -10.15
CA PHE A 19 -18.56 16.97 -11.00
C PHE A 19 -19.39 15.90 -10.29
N ASN A 20 -18.72 14.88 -9.78
CA ASN A 20 -19.39 13.83 -9.03
C ASN A 20 -20.24 14.37 -7.87
N LEU A 21 -19.61 15.21 -7.04
CA LEU A 21 -20.28 15.82 -5.87
C LEU A 21 -21.48 16.62 -6.28
N ASN A 22 -21.34 17.40 -7.35
CA ASN A 22 -22.44 18.21 -7.80
C ASN A 22 -23.57 17.39 -8.36
N ASN A 23 -23.26 16.32 -9.04
CA ASN A 23 -24.31 15.43 -9.51
C ASN A 23 -24.96 14.70 -8.34
N ILE A 24 -24.19 14.42 -7.29
CA ILE A 24 -24.76 13.86 -6.07
C ILE A 24 -25.70 14.90 -5.46
N LYS A 25 -25.23 16.13 -5.30
CA LYS A 25 -26.08 17.20 -4.73
C LYS A 25 -27.36 17.44 -5.50
N ASN A 26 -27.34 17.24 -6.81
CA ASN A 26 -28.55 17.40 -7.63
C ASN A 26 -29.60 16.32 -7.36
N LEU A 27 -29.18 15.17 -6.84
CA LEU A 27 -30.11 14.14 -6.37
C LEU A 27 -30.82 14.54 -5.09
N LEU A 28 -30.20 15.41 -4.30
CA LEU A 28 -30.66 15.69 -2.95
C LEU A 28 -31.47 16.98 -2.84
N GLU A 29 -32.45 16.95 -1.97
CA GLU A 29 -33.25 18.13 -1.66
C GLU A 29 -32.41 19.09 -0.81
N GLU A 30 -32.83 20.34 -0.84
CA GLU A 30 -32.11 21.46 -0.20
C GLU A 30 -31.59 21.14 1.21
N ASP A 31 -32.47 20.57 2.03
CA ASP A 31 -32.22 20.41 3.46
C ASP A 31 -31.49 19.12 3.87
N ILE A 32 -31.21 18.22 2.93
CA ILE A 32 -30.55 16.96 3.25
C ILE A 32 -29.05 17.15 3.26
N LYS A 33 -28.41 16.72 4.34
CA LYS A 33 -26.98 16.91 4.51
C LYS A 33 -26.17 15.84 3.80
N ILE A 34 -24.94 16.17 3.45
CA ILE A 34 -24.03 15.20 2.86
C ILE A 34 -22.88 14.94 3.82
N CYS A 35 -22.61 13.66 4.04
CA CYS A 35 -21.41 13.22 4.73
C CYS A 35 -20.51 12.65 3.67
N GLY A 36 -19.34 13.24 3.53
CA GLY A 36 -18.36 12.74 2.58
C GLY A 36 -17.53 11.67 3.27
N VAL A 37 -17.61 10.45 2.78
CA VAL A 37 -16.89 9.34 3.38
C VAL A 37 -15.47 9.28 2.80
N ILE A 38 -14.47 9.55 3.63
CA ILE A 38 -13.07 9.68 3.17
C ILE A 38 -12.13 8.83 4.02
N LYS A 39 -12.61 7.68 4.42
CA LYS A 39 -11.79 6.72 5.12
C LYS A 39 -10.85 6.04 4.15
N ALA A 40 -9.84 5.39 4.70
CA ALA A 40 -8.80 4.75 3.91
C ALA A 40 -8.16 5.74 2.94
N ASP A 41 -7.83 6.92 3.48
CA ASP A 41 -7.20 7.99 2.70
C ASP A 41 -8.05 8.36 1.49
N ALA A 42 -9.34 8.53 1.76
CA ALA A 42 -10.33 8.82 0.73
C ALA A 42 -10.28 7.77 -0.37
N TYR A 43 -10.31 6.51 0.05
CA TYR A 43 -10.25 5.37 -0.88
C TYR A 43 -9.04 5.53 -1.81
N GLY A 44 -7.89 5.89 -1.25
CA GLY A 44 -6.65 5.97 -2.00
C GLY A 44 -6.35 7.31 -2.66
N HIS A 45 -7.33 8.20 -2.73
CA HIS A 45 -7.18 9.49 -3.43
C HIS A 45 -6.47 10.60 -2.61
N GLY A 46 -6.42 10.45 -1.28
CA GLY A 46 -5.81 11.46 -0.41
C GLY A 46 -6.85 12.18 0.44
N ALA A 47 -7.01 11.71 1.66
CA ALA A 47 -8.02 12.22 2.55
C ALA A 47 -7.84 13.70 2.86
N VAL A 48 -6.63 14.13 3.13
CA VAL A 48 -6.43 15.54 3.44
C VAL A 48 -6.87 16.41 2.28
N GLU A 49 -6.40 16.11 1.07
CA GLU A 49 -6.72 16.98 -0.06
C GLU A 49 -8.20 16.92 -0.41
N VAL A 50 -8.76 15.72 -0.41
CA VAL A 50 -10.17 15.55 -0.77
C VAL A 50 -11.02 16.25 0.28
N ALA A 51 -10.58 16.25 1.53
CA ALA A 51 -11.28 16.97 2.58
C ALA A 51 -11.21 18.48 2.32
N LYS A 52 -10.04 18.97 1.92
CA LYS A 52 -9.91 20.39 1.63
C LYS A 52 -10.91 20.82 0.55
N LEU A 53 -11.03 20.00 -0.48
CA LEU A 53 -11.97 20.24 -1.56
C LEU A 53 -13.40 20.22 -1.02
N LEU A 54 -13.70 19.25 -0.16
CA LEU A 54 -15.05 19.12 0.37
C LEU A 54 -15.43 20.32 1.26
N GLU A 55 -14.49 20.84 2.05
CA GLU A 55 -14.75 22.05 2.82
C GLU A 55 -15.04 23.20 1.88
N LYS A 56 -14.31 23.27 0.78
CA LYS A 56 -14.52 24.34 -0.20
C LYS A 56 -15.89 24.19 -0.87
N GLU A 57 -16.18 22.99 -1.38
CA GLU A 57 -17.50 22.73 -2.00
C GLU A 57 -18.63 22.69 -1.01
N LYS A 58 -18.30 22.71 0.28
CA LYS A 58 -19.28 22.72 1.35
C LYS A 58 -19.98 21.38 1.37
N VAL A 59 -19.72 20.62 2.41
CA VAL A 59 -20.42 19.42 2.78
C VAL A 59 -20.62 19.54 4.26
N ASP A 60 -21.64 18.85 4.75
CA ASP A 60 -22.03 18.87 6.15
C ASP A 60 -21.03 18.21 7.08
N TYR A 61 -20.61 17.01 6.73
CA TYR A 61 -19.82 16.09 7.56
C TYR A 61 -18.75 15.29 6.80
N LEU A 62 -17.70 14.89 7.49
CA LEU A 62 -16.70 13.98 7.01
C LEU A 62 -16.75 12.69 7.81
N ALA A 63 -16.55 11.57 7.15
CA ALA A 63 -16.51 10.30 7.88
C ALA A 63 -15.19 9.61 7.63
N VAL A 64 -14.67 8.99 8.69
CA VAL A 64 -13.43 8.21 8.61
C VAL A 64 -13.64 6.85 9.29
N ALA A 65 -12.62 5.98 9.22
CA ALA A 65 -12.69 4.63 9.82
C ALA A 65 -11.83 4.49 11.07
N ARG A 66 -11.01 5.50 11.36
CA ARG A 66 -10.03 5.39 12.43
C ARG A 66 -9.76 6.74 13.04
N THR A 67 -9.55 6.74 14.35
CA THR A 67 -9.24 7.96 15.09
C THR A 67 -8.12 8.73 14.34
N ALA A 68 -7.08 8.02 13.92
CA ALA A 68 -5.89 8.64 13.38
C ALA A 68 -6.18 9.31 12.03
N GLU A 69 -7.09 8.71 11.25
CA GLU A 69 -7.52 9.34 10.01
C GLU A 69 -8.21 10.65 10.33
N GLY A 70 -8.98 10.64 11.42
CA GLY A 70 -9.64 11.85 11.90
C GLY A 70 -8.66 12.92 12.32
N ILE A 71 -7.62 12.52 13.05
CA ILE A 71 -6.67 13.46 13.60
C ILE A 71 -5.75 14.00 12.52
N GLU A 72 -5.44 13.20 11.51
CA GLU A 72 -4.65 13.65 10.38
C GLU A 72 -5.33 14.83 9.70
N LEU A 73 -6.64 14.72 9.52
CA LEU A 73 -7.42 15.82 8.94
C LEU A 73 -7.37 17.07 9.82
N ARG A 74 -7.42 16.90 11.14
CA ARG A 74 -7.38 18.04 12.05
C ARG A 74 -6.03 18.71 12.01
N GLN A 75 -4.99 17.90 11.94
CA GLN A 75 -3.63 18.40 11.91
C GLN A 75 -3.32 19.13 10.64
N ASN A 76 -4.18 18.97 9.64
CA ASN A 76 -4.04 19.68 8.38
C ASN A 76 -5.14 20.72 8.19
N GLY A 77 -5.59 21.33 9.29
CA GLY A 77 -6.46 22.50 9.21
C GLY A 77 -7.96 22.26 9.00
N ILE A 78 -8.38 21.01 8.89
CA ILE A 78 -9.78 20.73 8.63
C ILE A 78 -10.63 21.04 9.86
N THR A 79 -11.74 21.74 9.67
CA THR A 79 -12.64 22.12 10.77
C THR A 79 -14.02 21.46 10.70
N LEU A 80 -14.32 20.75 9.62
CA LEU A 80 -15.63 20.12 9.48
C LEU A 80 -15.85 19.09 10.56
N PRO A 81 -17.12 18.85 10.91
CA PRO A 81 -17.38 17.74 11.78
C PRO A 81 -16.83 16.45 11.15
N ILE A 82 -16.20 15.62 11.98
CA ILE A 82 -15.67 14.34 11.53
C ILE A 82 -16.30 13.21 12.36
N LEU A 83 -16.78 12.17 11.70
CA LEU A 83 -17.37 11.02 12.37
C LEU A 83 -16.53 9.79 12.15
N ASN A 84 -16.00 9.22 13.22
CA ASN A 84 -15.38 7.90 13.12
C ASN A 84 -16.49 6.85 13.04
N LEU A 85 -16.62 6.24 11.86
CA LEU A 85 -17.67 5.26 11.58
C LEU A 85 -17.38 3.93 12.22
N GLY A 86 -16.10 3.65 12.48
CA GLY A 86 -15.71 2.37 13.06
C GLY A 86 -15.31 2.41 14.53
N TYR A 87 -14.68 1.32 14.95
CA TYR A 87 -14.30 1.08 16.37
C TYR A 87 -13.34 2.13 16.92
N THR A 88 -13.70 2.69 18.06
CA THR A 88 -12.77 3.49 18.83
C THR A 88 -12.37 2.72 20.10
N PRO A 89 -11.10 2.28 20.17
CA PRO A 89 -10.63 1.60 21.38
C PRO A 89 -10.58 2.59 22.53
N ASP A 90 -10.59 2.10 23.75
CA ASP A 90 -10.64 2.96 24.92
C ASP A 90 -9.40 3.84 25.01
N GLU A 91 -8.29 3.30 24.51
CA GLU A 91 -7.00 3.99 24.50
C GLU A 91 -7.02 5.27 23.66
N ALA A 92 -8.07 5.44 22.84
CA ALA A 92 -8.17 6.57 21.94
C ALA A 92 -9.35 7.52 22.19
N PHE A 93 -10.08 7.32 23.30
CA PHE A 93 -11.21 8.21 23.60
C PHE A 93 -10.70 9.63 23.80
N GLU A 94 -9.69 9.79 24.63
CA GLU A 94 -9.16 11.11 24.97
C GLU A 94 -8.79 11.90 23.72
N ASP A 95 -8.04 11.27 22.84
CA ASP A 95 -7.61 11.90 21.62
C ASP A 95 -8.79 12.25 20.72
N SER A 96 -9.79 11.38 20.66
CA SER A 96 -11.01 11.66 19.90
C SER A 96 -11.70 12.92 20.40
N ILE A 97 -11.84 13.05 21.71
CA ILE A 97 -12.55 14.18 22.29
C ILE A 97 -11.76 15.49 22.10
N LYS A 98 -10.47 15.42 22.36
CA LYS A 98 -9.58 16.57 22.24
C LYS A 98 -9.52 17.14 20.83
N ASN A 99 -9.77 16.29 19.82
CA ASN A 99 -9.72 16.69 18.41
C ASN A 99 -11.09 16.78 17.77
N LYS A 100 -12.13 16.83 18.58
CA LYS A 100 -13.49 16.89 18.10
C LYS A 100 -13.75 15.89 16.96
N ILE A 101 -13.46 14.62 17.25
CA ILE A 101 -13.85 13.50 16.41
C ILE A 101 -15.11 12.84 16.99
N THR A 102 -16.19 12.85 16.23
CA THR A 102 -17.45 12.25 16.67
C THR A 102 -17.31 10.73 16.65
N MET A 103 -17.67 10.10 17.77
CA MET A 103 -17.46 8.67 17.93
C MET A 103 -18.75 7.88 17.72
N THR A 104 -18.63 6.77 17.01
CA THR A 104 -19.71 5.79 16.91
C THR A 104 -19.75 4.99 18.22
N VAL A 105 -20.95 4.76 18.78
CA VAL A 105 -21.11 3.98 20.03
C VAL A 105 -22.19 2.91 19.84
N TYR A 106 -21.96 1.76 20.47
CA TYR A 106 -22.76 0.58 20.26
C TYR A 106 -23.46 0.08 21.54
N SER A 107 -23.13 0.68 22.68
CA SER A 107 -23.52 0.15 23.98
C SER A 107 -23.49 1.24 25.04
N LEU A 108 -24.26 1.03 26.10
CA LEU A 108 -24.29 1.93 27.24
C LEU A 108 -22.94 1.98 27.96
N GLU A 109 -22.30 0.80 28.07
CA GLU A 109 -21.05 0.69 28.80
C GLU A 109 -19.95 1.54 28.17
N THR A 110 -19.89 1.53 26.84
CA THR A 110 -18.96 2.38 26.13
C THR A 110 -19.28 3.86 26.29
N ALA A 111 -20.54 4.22 26.17
CA ALA A 111 -20.98 5.59 26.38
C ALA A 111 -20.57 6.12 27.76
N GLN A 112 -20.72 5.29 28.79
CA GLN A 112 -20.40 5.67 30.16
C GLN A 112 -18.90 5.88 30.39
N LYS A 113 -18.05 5.05 29.78
CA LYS A 113 -16.60 5.22 29.88
C LYS A 113 -16.16 6.48 29.17
N ILE A 114 -16.70 6.68 27.96
CA ILE A 114 -16.45 7.90 27.20
C ILE A 114 -16.82 9.10 28.06
N ASN A 115 -17.98 9.01 28.70
CA ASN A 115 -18.49 10.07 29.55
C ASN A 115 -17.54 10.43 30.68
N GLU A 116 -16.91 9.42 31.28
CA GLU A 116 -15.93 9.66 32.34
C GLU A 116 -14.71 10.42 31.82
N ILE A 117 -14.27 10.07 30.63
CA ILE A 117 -13.12 10.74 30.03
C ILE A 117 -13.47 12.19 29.69
N ALA A 118 -14.63 12.38 29.09
CA ALA A 118 -15.14 13.70 28.73
C ALA A 118 -15.30 14.57 29.96
N LYS A 119 -15.84 13.98 31.02
CA LYS A 119 -15.93 14.63 32.34
C LYS A 119 -14.53 15.00 32.80
N SER A 120 -13.62 14.02 32.76
CA SER A 120 -12.23 14.22 33.15
C SER A 120 -11.61 15.41 32.41
N LEU A 121 -11.81 15.45 31.09
CA LEU A 121 -11.29 16.53 30.28
C LEU A 121 -12.12 17.81 30.34
N GLY A 122 -13.27 17.76 30.99
CA GLY A 122 -14.11 18.95 31.15
C GLY A 122 -14.65 19.49 29.85
N GLU A 123 -15.04 18.59 28.94
CA GLU A 123 -15.75 18.98 27.73
C GLU A 123 -16.56 17.80 27.17
N LYS A 124 -17.63 18.10 26.45
CA LYS A 124 -18.53 17.07 25.91
C LYS A 124 -17.88 16.23 24.82
N ALA A 125 -18.24 14.94 24.77
CA ALA A 125 -17.91 14.09 23.64
C ALA A 125 -19.12 14.06 22.73
N CYS A 126 -18.90 14.25 21.43
CA CYS A 126 -19.97 14.11 20.45
C CYS A 126 -20.01 12.66 20.01
N VAL A 127 -21.21 12.06 19.97
CA VAL A 127 -21.35 10.65 19.65
C VAL A 127 -22.54 10.40 18.76
N HIS A 128 -22.43 9.34 17.96
CA HIS A 128 -23.51 8.88 17.14
C HIS A 128 -23.78 7.45 17.53
N VAL A 129 -25.06 7.13 17.67
CA VAL A 129 -25.46 5.79 18.09
C VAL A 129 -25.64 4.92 16.84
N LYS A 130 -25.06 3.73 16.88
CA LYS A 130 -25.18 2.76 15.79
C LYS A 130 -26.27 1.71 16.14
N ILE A 131 -27.13 1.41 15.16
CA ILE A 131 -28.18 0.40 15.31
C ILE A 131 -27.89 -0.79 14.41
N ASP A 132 -27.97 -1.98 14.99
CA ASP A 132 -27.74 -3.23 14.27
C ASP A 132 -29.06 -3.64 13.66
N PHE A 140 -26.53 -1.83 18.87
CA PHE A 140 -27.80 -1.64 19.57
C PHE A 140 -28.90 -2.34 18.82
N GLN A 141 -29.48 -3.37 19.42
CA GLN A 141 -30.54 -4.10 18.79
C GLN A 141 -31.73 -3.23 18.72
N PRO A 142 -32.55 -3.49 17.62
CA PRO A 142 -33.71 -2.59 17.56
C PRO A 142 -34.87 -3.15 18.36
N ASN A 143 -34.73 -3.07 19.66
CA ASN A 143 -35.75 -3.52 20.60
C ASN A 143 -36.04 -2.51 21.71
N GLU A 144 -37.05 -2.78 22.54
CA GLU A 144 -37.41 -1.88 23.62
C GLU A 144 -36.26 -1.69 24.62
N GLU A 145 -35.44 -2.73 24.83
CA GLU A 145 -34.30 -2.63 25.75
C GLU A 145 -33.29 -1.56 25.31
N SER A 146 -32.89 -1.63 24.04
CA SER A 146 -31.98 -0.65 23.47
C SER A 146 -32.53 0.77 23.59
N VAL A 147 -33.81 0.96 23.38
CA VAL A 147 -34.42 2.29 23.43
C VAL A 147 -34.35 2.95 24.78
N GLN A 148 -34.57 2.22 25.84
CA GLN A 148 -34.33 2.77 27.15
C GLN A 148 -32.84 3.00 27.38
N GLU A 149 -31.99 2.09 26.92
CA GLU A 149 -30.54 2.20 27.09
C GLU A 149 -30.03 3.50 26.43
N ILE A 150 -30.63 3.85 25.35
CA ILE A 150 -30.32 5.08 24.63
C ILE A 150 -30.87 6.32 25.36
N ILE A 151 -32.11 6.26 25.86
CA ILE A 151 -32.65 7.37 26.65
C ILE A 151 -31.71 7.63 27.84
N GLU A 152 -31.18 6.55 28.41
CA GLU A 152 -30.20 6.60 29.50
C GLU A 152 -28.92 7.33 29.08
N LEU A 153 -28.27 6.85 28.04
CA LEU A 153 -27.02 7.41 27.57
C LEU A 153 -27.21 8.82 27.16
N ASN A 154 -28.39 9.17 26.67
CA ASN A 154 -28.65 10.52 26.21
C ASN A 154 -28.48 11.50 27.35
N LYS A 155 -28.93 11.09 28.54
CA LYS A 155 -28.81 11.92 29.73
C LYS A 155 -27.36 12.21 30.13
N LEU A 156 -26.49 11.21 30.02
CA LEU A 156 -25.12 11.37 30.52
C LEU A 156 -24.63 12.79 30.21
N GLU A 157 -24.47 13.63 31.23
CA GLU A 157 -23.82 14.93 31.06
C GLU A 157 -22.78 15.50 30.09
N TYR A 158 -21.70 14.80 29.87
CA TYR A 158 -20.58 15.31 29.04
C TYR A 158 -20.67 14.39 27.83
N ILE A 159 -21.87 14.09 27.34
CA ILE A 159 -21.98 13.58 25.98
C ILE A 159 -23.11 14.25 25.20
N ASP A 160 -22.79 14.58 23.94
CA ASP A 160 -23.73 15.17 23.01
C ASP A 160 -24.16 14.04 22.06
N LEU A 161 -25.28 13.41 22.38
CA LEU A 161 -25.88 12.45 21.47
C LEU A 161 -26.44 13.24 20.29
N GLU A 162 -25.64 13.29 19.23
CA GLU A 162 -25.95 14.12 18.08
C GLU A 162 -26.72 13.36 17.03
N GLY A 163 -26.33 12.11 16.77
CA GLY A 163 -26.89 11.37 15.65
C GLY A 163 -27.13 9.90 15.90
N MET A 164 -27.81 9.26 14.95
CA MET A 164 -28.08 7.83 15.04
C MET A 164 -28.11 7.26 13.65
N PHE A 165 -27.46 6.11 13.46
CA PHE A 165 -27.38 5.53 12.12
C PHE A 165 -27.32 4.03 12.08
N THR A 166 -27.61 3.50 10.90
CA THR A 166 -27.34 2.11 10.61
C THR A 166 -26.72 2.06 9.20
N HIS A 167 -26.32 0.87 8.79
CA HIS A 167 -25.64 0.71 7.52
C HIS A 167 -26.19 -0.51 6.83
N PHE A 168 -26.46 -0.37 5.54
CA PHE A 168 -27.05 -1.45 4.76
C PHE A 168 -26.00 -2.41 4.27
N ALA A 169 -26.37 -3.69 4.26
CA ALA A 169 -25.47 -4.76 3.83
C ALA A 169 -25.64 -5.11 2.35
N THR A 170 -26.82 -4.84 1.79
CA THR A 170 -27.15 -5.30 0.43
C THR A 170 -27.85 -4.26 -0.45
N ALA A 171 -27.72 -2.98 -0.12
CA ALA A 171 -28.37 -1.91 -0.89
C ALA A 171 -27.90 -1.79 -2.36
N ASP A 172 -26.75 -2.40 -2.69
CA ASP A 172 -26.22 -2.36 -4.06
C ASP A 172 -26.71 -3.55 -4.90
N GLU A 173 -27.52 -4.42 -4.31
CA GLU A 173 -28.09 -5.57 -5.02
C GLU A 173 -29.40 -5.19 -5.72
N VAL A 174 -29.86 -6.08 -6.60
CA VAL A 174 -31.06 -5.83 -7.40
C VAL A 174 -32.31 -5.68 -6.54
N SER A 175 -32.42 -6.51 -5.50
CA SER A 175 -33.57 -6.46 -4.61
C SER A 175 -33.17 -5.90 -3.26
N LYS A 176 -33.86 -4.85 -2.84
CA LYS A 176 -33.56 -4.18 -1.57
C LYS A 176 -34.32 -4.76 -0.40
N GLU A 177 -35.21 -5.71 -0.66
CA GLU A 177 -36.04 -6.27 0.41
C GLU A 177 -35.34 -6.20 1.76
N TYR A 178 -34.12 -6.77 1.80
CA TYR A 178 -33.35 -6.80 3.03
C TYR A 178 -33.03 -5.37 3.50
N THR A 179 -32.63 -4.52 2.56
CA THR A 179 -32.41 -3.10 2.82
C THR A 179 -33.61 -2.42 3.50
N TYR A 180 -34.80 -2.57 2.94
CA TYR A 180 -35.99 -1.99 3.57
C TYR A 180 -36.35 -2.71 4.86
N LYS A 181 -35.96 -3.99 4.98
CA LYS A 181 -36.04 -4.65 6.28
C LYS A 181 -35.17 -3.93 7.30
N GLN A 182 -33.96 -3.53 6.91
CA GLN A 182 -33.08 -2.83 7.85
C GLN A 182 -33.60 -1.44 8.18
N ALA A 183 -34.09 -0.76 7.16
CA ALA A 183 -34.69 0.56 7.34
C ALA A 183 -35.82 0.54 8.35
N ASN A 184 -36.68 -0.46 8.26
CA ASN A 184 -37.76 -0.57 9.22
C ASN A 184 -37.26 -0.70 10.64
N ASN A 185 -36.30 -1.59 10.86
CA ASN A 185 -35.72 -1.75 12.20
C ASN A 185 -35.21 -0.42 12.75
N TYR A 186 -34.64 0.40 11.87
CA TYR A 186 -34.19 1.71 12.26
C TYR A 186 -35.37 2.62 12.60
N LYS A 187 -36.38 2.64 11.74
CA LYS A 187 -37.56 3.48 11.94
C LYS A 187 -38.27 3.15 13.26
N PHE A 188 -38.18 1.90 13.69
CA PHE A 188 -38.67 1.51 15.01
C PHE A 188 -37.99 2.33 16.11
N MET A 189 -36.66 2.34 16.05
CA MET A 189 -35.85 3.04 17.05
C MET A 189 -36.07 4.53 16.93
N SER A 190 -36.11 5.03 15.71
CA SER A 190 -36.36 6.44 15.46
C SER A 190 -37.71 6.92 16.02
N ASP A 191 -38.77 6.13 15.83
CA ASP A 191 -40.09 6.55 16.27
C ASP A 191 -40.26 6.44 17.78
N LYS A 192 -39.74 5.37 18.38
CA LYS A 192 -39.77 5.22 19.84
C LYS A 192 -39.00 6.33 20.59
N LEU A 193 -37.86 6.74 20.06
CA LEU A 193 -37.06 7.80 20.67
C LEU A 193 -37.71 9.17 20.44
N ASP A 194 -38.18 9.42 19.22
CA ASP A 194 -39.04 10.58 18.94
C ASP A 194 -40.12 10.66 19.99
N GLU A 195 -40.78 9.53 20.23
CA GLU A 195 -41.88 9.43 21.20
C GLU A 195 -41.42 9.54 22.64
N ALA A 196 -40.22 9.06 22.95
CA ALA A 196 -39.63 9.32 24.25
C ALA A 196 -39.20 10.79 24.16
N GLY A 197 -38.25 11.29 24.92
CA GLY A 197 -37.94 12.72 24.82
C GLY A 197 -36.76 13.05 23.93
N VAL A 198 -36.25 12.04 23.24
CA VAL A 198 -34.88 12.02 22.75
C VAL A 198 -34.73 12.67 21.41
N LYS A 199 -33.90 13.73 21.35
CA LYS A 199 -33.74 14.62 20.16
C LYS A 199 -33.10 14.22 18.79
N ILE A 200 -31.94 13.56 18.77
CA ILE A 200 -31.32 13.06 17.51
C ILE A 200 -31.11 13.98 16.26
N ALA A 201 -30.38 15.10 16.36
CA ALA A 201 -30.38 16.08 15.29
C ALA A 201 -30.10 15.43 13.93
N ILE A 202 -29.27 14.39 13.90
CA ILE A 202 -28.85 13.77 12.63
C ILE A 202 -29.15 12.27 12.56
N LYS A 203 -30.19 11.92 11.83
CA LYS A 203 -30.48 10.53 11.54
C LYS A 203 -30.12 10.23 10.11
N HIS A 204 -29.40 9.12 9.89
CA HIS A 204 -28.86 8.78 8.57
C HIS A 204 -28.63 7.29 8.41
N VAL A 205 -28.86 6.81 7.19
CA VAL A 205 -28.77 5.38 6.90
C VAL A 205 -28.18 5.08 5.54
N SER A 206 -28.36 6.01 4.58
CA SER A 206 -28.05 5.76 3.18
C SER A 206 -26.54 5.82 2.89
N ASN A 207 -26.03 4.75 2.29
CA ASN A 207 -24.72 4.78 1.63
C ASN A 207 -24.89 5.16 0.15
N SER A 208 -23.83 5.04 -0.64
CA SER A 208 -23.88 5.37 -2.06
C SER A 208 -25.02 4.64 -2.77
N ALA A 209 -25.12 3.33 -2.58
CA ALA A 209 -26.16 2.54 -3.24
C ALA A 209 -27.57 3.03 -2.91
N ALA A 210 -27.80 3.31 -1.64
CA ALA A 210 -29.10 3.80 -1.18
C ALA A 210 -29.39 5.21 -1.70
N ILE A 211 -28.37 6.07 -1.76
CA ILE A 211 -28.55 7.43 -2.29
C ILE A 211 -29.08 7.35 -3.71
N MET A 212 -28.49 6.44 -4.48
CA MET A 212 -28.88 6.23 -5.85
C MET A 212 -30.27 5.60 -6.00
N ASP A 213 -30.47 4.45 -5.35
CA ASP A 213 -31.67 3.61 -5.63
C ASP A 213 -32.85 3.81 -4.69
N CYS A 214 -32.61 4.43 -3.55
CA CYS A 214 -33.60 4.51 -2.48
C CYS A 214 -33.84 5.96 -2.05
N PRO A 215 -34.47 6.78 -2.91
CA PRO A 215 -34.74 8.20 -2.60
C PRO A 215 -35.66 8.48 -1.41
N ASP A 216 -36.24 7.43 -0.82
CA ASP A 216 -37.02 7.55 0.42
C ASP A 216 -36.21 7.37 1.71
N LEU A 217 -34.90 7.10 1.62
CA LEU A 217 -34.10 6.81 2.83
C LEU A 217 -33.09 7.94 3.14
N ARG A 218 -33.49 9.16 2.83
CA ARG A 218 -32.62 10.33 2.97
C ARG A 218 -32.47 10.78 4.42
N LEU A 219 -33.60 10.82 5.13
CA LEU A 219 -33.59 11.26 6.51
C LEU A 219 -32.88 12.63 6.59
N ASN A 220 -32.02 12.84 7.59
CA ASN A 220 -31.37 14.13 7.78
C ASN A 220 -30.11 14.30 6.97
N MET A 221 -29.52 13.18 6.56
CA MET A 221 -28.19 13.15 5.96
C MET A 221 -27.93 11.81 5.25
N VAL A 222 -27.10 11.86 4.21
CA VAL A 222 -26.65 10.64 3.54
C VAL A 222 -25.13 10.54 3.56
N ARG A 223 -24.63 9.34 3.33
CA ARG A 223 -23.20 9.06 3.40
C ARG A 223 -22.70 8.67 2.01
N ALA A 224 -22.00 9.59 1.35
CA ALA A 224 -21.49 9.37 0.00
C ALA A 224 -20.03 8.96 0.03
N GLY A 225 -19.75 7.73 -0.44
CA GLY A 225 -18.39 7.18 -0.48
C GLY A 225 -17.89 6.94 -1.89
N ILE A 226 -18.05 5.71 -2.37
CA ILE A 226 -17.50 5.29 -3.67
C ILE A 226 -17.88 6.25 -4.79
N ILE A 227 -19.10 6.75 -4.75
CA ILE A 227 -19.63 7.62 -5.78
C ILE A 227 -18.91 8.94 -5.92
N LEU A 228 -18.40 9.46 -4.85
CA LEU A 228 -17.67 10.68 -4.82
C LEU A 228 -16.42 10.58 -5.73
N TYR A 229 -15.81 9.42 -5.72
CA TYR A 229 -14.59 9.17 -6.44
C TYR A 229 -14.82 8.86 -7.92
N GLY A 230 -16.06 8.74 -8.35
CA GLY A 230 -16.38 8.47 -9.73
C GLY A 230 -16.64 6.99 -10.08
N HIS A 231 -17.00 6.20 -9.06
CA HIS A 231 -17.27 4.78 -9.24
C HIS A 231 -18.58 4.33 -8.59
N TYR A 232 -19.17 3.30 -9.17
CA TYR A 232 -20.44 2.76 -8.71
C TYR A 232 -20.18 1.65 -7.70
N PRO A 233 -21.04 1.54 -6.69
CA PRO A 233 -20.85 0.47 -5.71
C PRO A 233 -21.13 -0.91 -6.29
N SER A 234 -21.84 -0.98 -7.42
CA SER A 234 -22.00 -2.24 -8.15
C SER A 234 -22.52 -1.98 -9.55
N ASP A 235 -22.68 -3.06 -10.31
CA ASP A 235 -23.34 -2.98 -11.62
C ASP A 235 -24.84 -3.06 -11.51
N ASP A 236 -25.35 -3.28 -10.31
CA ASP A 236 -26.77 -3.51 -10.12
C ASP A 236 -27.54 -2.23 -9.80
N VAL A 237 -26.85 -1.19 -9.33
CA VAL A 237 -27.50 0.09 -9.02
C VAL A 237 -28.01 0.82 -10.27
N PHE A 238 -28.87 1.83 -10.08
CA PHE A 238 -29.41 2.61 -11.20
C PHE A 238 -28.39 3.67 -11.64
N LYS A 239 -27.45 3.27 -12.50
CA LYS A 239 -26.35 4.12 -12.95
C LYS A 239 -26.85 5.35 -13.72
N ASP A 240 -27.91 5.15 -14.48
CA ASP A 240 -28.55 6.24 -15.23
C ASP A 240 -29.09 7.40 -14.36
N ARG A 241 -29.11 7.23 -13.04
CA ARG A 241 -29.56 8.30 -12.16
C ARG A 241 -28.48 9.29 -11.83
N LEU A 242 -27.22 8.86 -12.01
CA LEU A 242 -26.06 9.61 -11.52
C LEU A 242 -24.84 9.44 -12.43
N GLU A 243 -24.50 10.49 -13.14
CA GLU A 243 -23.32 10.50 -14.00
C GLU A 243 -22.06 10.71 -13.18
N LEU A 244 -21.12 9.79 -13.32
CA LEU A 244 -19.85 9.81 -12.59
C LEU A 244 -18.60 9.84 -13.44
N ARG A 245 -17.64 10.66 -13.06
CA ARG A 245 -16.33 10.64 -13.66
C ARG A 245 -15.28 10.16 -12.69
N PRO A 246 -14.64 8.97 -13.05
CA PRO A 246 -13.58 8.56 -12.11
C PRO A 246 -12.49 9.61 -11.91
N ALA A 247 -12.03 9.75 -10.71
CA ALA A 247 -11.07 10.80 -10.42
C ALA A 247 -9.60 10.36 -10.54
N MET A 248 -9.33 9.06 -10.36
CA MET A 248 -7.95 8.61 -10.23
C MET A 248 -7.44 7.94 -11.47
N LYS A 249 -6.22 8.30 -11.86
CA LYS A 249 -5.48 7.61 -12.89
C LYS A 249 -4.14 7.19 -12.32
N LEU A 250 -3.87 5.89 -12.31
CA LEU A 250 -2.60 5.38 -11.82
C LEU A 250 -1.65 5.35 -13.00
N LYS A 251 -0.55 6.09 -12.91
CA LYS A 251 0.35 6.29 -14.03
C LYS A 251 1.79 5.91 -13.71
N SER A 252 2.52 5.49 -14.74
CA SER A 252 3.96 5.38 -14.66
C SER A 252 4.59 5.92 -15.95
N LYS A 253 5.91 5.76 -16.09
CA LYS A 253 6.70 6.22 -17.24
C LYS A 253 7.42 5.01 -17.86
N ILE A 254 7.69 4.99 -19.16
CA ILE A 254 8.48 3.90 -19.70
C ILE A 254 9.93 4.13 -19.28
N GLY A 255 10.47 3.18 -18.52
CA GLY A 255 11.80 3.28 -17.95
C GLY A 255 12.89 2.69 -18.83
N HIS A 256 12.52 1.71 -19.65
CA HIS A 256 13.45 1.06 -20.57
C HIS A 256 12.70 0.42 -21.73
N ILE A 257 13.36 0.34 -22.87
CA ILE A 257 12.74 -0.27 -24.03
C ILE A 257 13.77 -0.94 -24.91
N LYS A 258 13.44 -2.14 -25.38
CA LYS A 258 14.42 -2.97 -26.05
C LYS A 258 13.74 -4.00 -26.93
N GLN A 259 14.55 -4.55 -27.80
CA GLN A 259 14.16 -5.52 -28.77
C GLN A 259 14.69 -6.87 -28.30
N VAL A 260 13.80 -7.81 -28.02
CA VAL A 260 14.20 -9.09 -27.46
C VAL A 260 14.02 -10.22 -28.48
N GLU A 261 15.00 -11.12 -28.53
CA GLU A 261 15.03 -12.23 -29.49
C GLU A 261 13.93 -13.27 -29.21
N PRO A 262 13.67 -14.16 -30.17
CA PRO A 262 12.70 -15.24 -29.94
C PRO A 262 13.15 -16.19 -28.86
N GLY A 263 12.19 -16.70 -28.09
CA GLY A 263 12.47 -17.74 -27.11
C GLY A 263 13.27 -17.31 -25.90
N VAL A 264 13.17 -16.05 -25.48
CA VAL A 264 13.86 -15.63 -24.26
C VAL A 264 12.86 -15.38 -23.15
N GLY A 265 13.20 -15.87 -21.97
CA GLY A 265 12.32 -15.80 -20.80
C GLY A 265 12.34 -14.43 -20.13
N ILE A 266 11.21 -14.07 -19.53
CA ILE A 266 11.04 -12.76 -18.92
C ILE A 266 10.52 -12.87 -17.49
N SER A 267 11.23 -12.17 -16.59
CA SER A 267 10.86 -12.03 -15.19
C SER A 267 11.12 -13.33 -14.42
N TYR A 268 10.83 -13.27 -13.12
CA TYR A 268 11.09 -14.38 -12.20
C TYR A 268 10.39 -15.65 -12.61
N GLY A 269 11.12 -16.76 -12.53
CA GLY A 269 10.60 -18.05 -12.99
C GLY A 269 10.50 -18.20 -14.50
N LEU A 270 10.94 -17.16 -15.24
CA LEU A 270 10.87 -17.12 -16.70
C LEU A 270 9.53 -17.63 -17.26
N LYS A 271 8.44 -17.20 -16.61
CA LYS A 271 7.12 -17.75 -16.91
C LYS A 271 6.55 -17.26 -18.25
N TYR A 272 7.06 -16.16 -18.78
CA TYR A 272 6.76 -15.75 -20.15
C TYR A 272 8.03 -15.84 -20.98
N THR A 273 7.97 -16.59 -22.07
CA THR A 273 9.05 -16.64 -23.04
C THR A 273 8.55 -16.09 -24.37
N THR A 274 9.39 -15.32 -25.03
CA THR A 274 9.03 -14.63 -26.23
C THR A 274 8.72 -15.65 -27.37
N THR A 275 7.80 -15.29 -28.27
CA THR A 275 7.40 -16.17 -29.39
C THR A 275 7.79 -15.63 -30.75
N GLY A 276 8.71 -14.68 -30.78
CA GLY A 276 9.29 -14.13 -32.03
C GLY A 276 10.14 -12.99 -31.53
N LYS A 277 10.61 -12.10 -32.41
CA LYS A 277 11.29 -10.90 -31.91
C LYS A 277 10.21 -9.98 -31.34
N GLU A 278 10.47 -9.41 -30.17
CA GLU A 278 9.43 -8.63 -29.52
C GLU A 278 10.04 -7.37 -28.96
N THR A 279 9.27 -6.30 -28.99
CA THR A 279 9.64 -5.08 -28.27
C THR A 279 9.06 -5.13 -26.87
N ILE A 280 9.96 -5.06 -25.89
CA ILE A 280 9.61 -5.16 -24.49
C ILE A 280 9.93 -3.84 -23.81
N ALA A 281 8.91 -3.27 -23.18
CA ALA A 281 9.07 -2.05 -22.42
C ALA A 281 9.06 -2.43 -20.96
N THR A 282 9.99 -1.90 -20.19
CA THR A 282 9.95 -2.11 -18.76
C THR A 282 9.41 -0.84 -18.11
N VAL A 283 8.47 -0.99 -17.18
CA VAL A 283 7.83 0.15 -16.53
C VAL A 283 8.07 0.07 -15.02
N PRO A 284 8.46 1.19 -14.39
CA PRO A 284 8.83 1.20 -12.98
C PRO A 284 7.63 1.30 -12.06
N ILE A 285 6.71 0.36 -12.19
CA ILE A 285 5.66 0.14 -11.22
C ILE A 285 5.58 -1.35 -10.94
N GLY A 286 5.34 -1.72 -9.68
CA GLY A 286 5.24 -3.12 -9.31
C GLY A 286 4.22 -3.39 -8.22
N TYR A 287 4.22 -4.61 -7.69
CA TYR A 287 3.21 -4.99 -6.70
C TYR A 287 3.30 -4.22 -5.39
N ALA A 288 4.46 -3.64 -5.10
CA ALA A 288 4.63 -2.80 -3.90
C ALA A 288 4.13 -1.37 -4.10
N ASP A 289 3.63 -1.06 -5.29
CA ASP A 289 2.89 0.17 -5.54
C ASP A 289 1.41 -0.10 -5.53
N GLY A 290 1.03 -1.37 -5.35
CA GLY A 290 -0.38 -1.76 -5.34
C GLY A 290 -0.87 -2.38 -6.64
N PHE A 291 0.01 -2.48 -7.65
CA PHE A 291 -0.29 -3.21 -8.89
C PHE A 291 -0.03 -4.69 -8.66
N THR A 292 -1.04 -5.37 -8.09
CA THR A 292 -0.83 -6.69 -7.50
C THR A 292 -0.42 -7.77 -8.49
N ARG A 293 0.51 -8.60 -8.04
CA ARG A 293 1.05 -9.70 -8.80
C ARG A 293 0.02 -10.80 -9.07
N ILE A 294 -1.06 -10.78 -8.30
CA ILE A 294 -2.11 -11.79 -8.42
C ILE A 294 -2.86 -11.71 -9.76
N GLN A 295 -2.90 -10.52 -10.35
CA GLN A 295 -3.56 -10.34 -11.65
C GLN A 295 -3.14 -11.42 -12.64
N LYS A 296 -4.09 -12.10 -13.25
CA LYS A 296 -3.77 -13.12 -14.23
C LYS A 296 -3.68 -12.55 -15.63
N ASN A 297 -4.32 -11.41 -15.86
CA ASN A 297 -4.33 -10.76 -17.18
C ASN A 297 -4.02 -9.27 -17.07
N PRO A 298 -2.81 -8.93 -16.59
CA PRO A 298 -2.50 -7.52 -16.37
C PRO A 298 -2.26 -6.81 -17.68
N LYS A 299 -2.74 -5.57 -17.76
CA LYS A 299 -2.68 -4.78 -18.98
C LYS A 299 -2.34 -3.34 -18.66
N VAL A 300 -1.91 -2.62 -19.69
CA VAL A 300 -1.57 -1.22 -19.60
C VAL A 300 -2.02 -0.50 -20.87
N LEU A 301 -2.16 0.81 -20.75
CA LEU A 301 -2.58 1.64 -21.86
C LEU A 301 -1.39 2.51 -22.16
N ILE A 302 -0.96 2.54 -23.41
CA ILE A 302 0.11 3.43 -23.84
C ILE A 302 -0.24 4.00 -25.21
N LYS A 303 -0.15 5.33 -25.33
CA LYS A 303 -0.55 6.03 -26.55
C LYS A 303 -1.88 5.47 -27.07
N GLY A 304 -2.85 5.33 -26.17
CA GLY A 304 -4.21 4.93 -26.54
C GLY A 304 -4.43 3.46 -26.88
N GLU A 305 -3.41 2.63 -26.76
CA GLU A 305 -3.51 1.21 -27.10
C GLU A 305 -3.22 0.35 -25.89
N VAL A 306 -3.94 -0.76 -25.78
CA VAL A 306 -3.78 -1.66 -24.65
C VAL A 306 -2.72 -2.70 -24.97
N PHE A 307 -1.89 -3.03 -23.98
CA PHE A 307 -0.82 -4.02 -24.14
C PHE A 307 -0.79 -4.97 -22.97
N ASP A 308 -0.32 -6.18 -23.22
CA ASP A 308 -0.22 -7.18 -22.18
C ASP A 308 1.00 -6.89 -21.34
N VAL A 309 0.84 -7.03 -20.03
CA VAL A 309 1.97 -7.14 -19.13
C VAL A 309 2.40 -8.59 -19.20
N VAL A 310 3.71 -8.82 -19.32
CA VAL A 310 4.23 -10.16 -19.58
C VAL A 310 5.29 -10.58 -18.55
N GLY A 311 5.25 -11.86 -18.19
CA GLY A 311 6.08 -12.38 -17.11
C GLY A 311 5.51 -11.94 -15.77
N ARG A 312 6.07 -12.46 -14.68
CA ARG A 312 5.59 -12.06 -13.35
C ARG A 312 5.77 -10.56 -13.11
N ILE A 313 4.77 -9.98 -12.45
CA ILE A 313 4.88 -8.62 -11.95
C ILE A 313 5.90 -8.69 -10.82
N CYS A 314 6.85 -7.78 -10.83
CA CYS A 314 7.91 -7.73 -9.84
C CYS A 314 7.55 -6.68 -8.77
N MET A 315 8.34 -6.60 -7.72
CA MET A 315 8.05 -5.69 -6.61
C MET A 315 7.93 -4.25 -7.09
N ASP A 316 8.84 -3.85 -7.98
CA ASP A 316 8.97 -2.45 -8.36
C ASP A 316 8.86 -2.17 -9.86
N GLN A 317 8.59 -3.21 -10.65
CA GLN A 317 8.54 -3.05 -12.09
C GLN A 317 7.90 -4.19 -12.82
N ILE A 318 7.50 -3.88 -14.04
CA ILE A 318 6.77 -4.81 -14.89
C ILE A 318 7.33 -4.78 -16.30
N MET A 319 7.08 -5.85 -17.07
CA MET A 319 7.47 -5.91 -18.48
C MET A 319 6.23 -5.92 -19.36
N VAL A 320 6.27 -5.12 -20.43
CA VAL A 320 5.14 -4.94 -21.31
C VAL A 320 5.52 -5.19 -22.78
N ARG A 321 4.81 -6.10 -23.45
CA ARG A 321 5.02 -6.33 -24.87
C ARG A 321 4.31 -5.27 -25.72
N ILE A 322 5.10 -4.48 -26.43
CA ILE A 322 4.58 -3.57 -27.43
C ILE A 322 4.50 -4.32 -28.77
N ASP A 323 3.29 -4.67 -29.17
CA ASP A 323 3.06 -5.44 -30.40
C ASP A 323 2.20 -4.63 -31.36
N LYS A 324 2.39 -3.32 -31.37
CA LYS A 324 1.70 -2.43 -32.30
C LYS A 324 2.65 -1.34 -32.75
N ASP A 325 2.38 -0.80 -33.91
CA ASP A 325 3.30 0.10 -34.53
C ASP A 325 3.14 1.47 -33.93
N ILE A 326 3.58 1.64 -32.69
CA ILE A 326 3.49 2.94 -32.06
C ILE A 326 4.85 3.56 -31.80
N ASP A 327 4.88 4.86 -31.68
CA ASP A 327 6.14 5.46 -31.44
C ASP A 327 6.24 5.72 -29.99
N ILE A 328 7.07 4.91 -29.33
CA ILE A 328 7.27 4.99 -27.90
C ILE A 328 8.74 5.22 -27.57
N LYS A 329 9.00 6.16 -26.67
CA LYS A 329 10.36 6.47 -26.25
C LYS A 329 10.41 6.46 -24.73
N VAL A 330 11.59 6.25 -24.17
CA VAL A 330 11.71 6.18 -22.72
C VAL A 330 11.25 7.52 -22.16
N GLY A 331 10.46 7.45 -21.08
CA GLY A 331 9.84 8.65 -20.54
C GLY A 331 8.36 8.76 -20.88
N ASP A 332 7.93 8.17 -22.00
CA ASP A 332 6.50 8.17 -22.34
C ASP A 332 5.60 7.66 -21.22
N GLU A 333 4.35 8.08 -21.27
CA GLU A 333 3.41 7.88 -20.18
C GLU A 333 2.66 6.54 -20.32
N VAL A 334 2.54 5.85 -19.20
CA VAL A 334 1.83 4.58 -19.14
C VAL A 334 0.65 4.75 -18.19
N ILE A 335 -0.51 4.22 -18.55
CA ILE A 335 -1.68 4.29 -17.69
C ILE A 335 -2.03 2.89 -17.26
N LEU A 336 -2.07 2.68 -15.95
CA LEU A 336 -2.37 1.39 -15.36
C LEU A 336 -3.88 1.23 -15.11
N PHE A 337 -4.54 2.30 -14.68
CA PHE A 337 -6.00 2.39 -14.79
C PHE A 337 -6.54 3.80 -14.65
N GLY A 338 -7.80 3.97 -15.07
CA GLY A 338 -8.51 5.25 -14.99
C GLY A 338 -8.77 5.91 -16.32
N GLU A 339 -8.60 5.18 -17.43
CA GLU A 339 -8.81 5.73 -18.75
C GLU A 339 -9.08 4.62 -19.73
N GLY A 340 -10.03 4.87 -20.62
CA GLY A 340 -10.34 3.93 -21.69
C GLY A 340 -10.69 2.57 -21.14
N GLU A 341 -10.08 1.53 -21.70
CA GLU A 341 -10.44 0.16 -21.34
C GLU A 341 -9.76 -0.34 -20.07
N VAL A 342 -8.73 0.34 -19.61
CA VAL A 342 -8.08 -0.06 -18.36
C VAL A 342 -8.71 0.70 -17.19
N THR A 343 -9.48 -0.02 -16.40
CA THR A 343 -10.26 0.55 -15.31
C THR A 343 -10.01 -0.24 -14.05
N ALA A 344 -10.25 0.38 -12.90
CA ALA A 344 -10.14 -0.33 -11.64
C ALA A 344 -11.11 -1.49 -11.58
N GLU A 345 -12.27 -1.33 -12.21
CA GLU A 345 -13.28 -2.40 -12.24
C GLU A 345 -12.79 -3.62 -13.00
N ARG A 346 -12.05 -3.38 -14.08
CA ARG A 346 -11.55 -4.46 -14.90
C ARG A 346 -10.58 -5.29 -14.09
N ILE A 347 -9.65 -4.59 -13.44
CA ILE A 347 -8.68 -5.24 -12.58
C ILE A 347 -9.38 -6.00 -11.47
N ALA A 348 -10.35 -5.35 -10.82
CA ALA A 348 -11.12 -6.00 -9.77
C ALA A 348 -11.72 -7.29 -10.26
N LYS A 349 -12.32 -7.27 -11.45
CA LYS A 349 -12.98 -8.46 -11.98
C LYS A 349 -11.96 -9.55 -12.28
N ASP A 350 -10.81 -9.18 -12.82
CA ASP A 350 -9.75 -10.15 -13.04
C ASP A 350 -9.36 -10.82 -11.73
N LEU A 351 -9.23 -10.02 -10.68
CA LEU A 351 -8.81 -10.50 -9.36
C LEU A 351 -9.90 -11.22 -8.57
N GLY A 352 -11.16 -10.94 -8.88
CA GLY A 352 -12.28 -11.48 -8.09
C GLY A 352 -12.47 -10.67 -6.83
N THR A 353 -12.23 -9.37 -6.93
CA THR A 353 -12.54 -8.45 -5.86
C THR A 353 -13.34 -7.29 -6.44
N ILE A 354 -13.30 -6.14 -5.78
CA ILE A 354 -14.16 -5.01 -6.10
C ILE A 354 -13.32 -3.77 -6.29
N ASN A 355 -13.87 -2.82 -7.04
CA ASN A 355 -13.17 -1.56 -7.34
C ASN A 355 -12.66 -0.84 -6.08
N TYR A 356 -13.44 -0.89 -5.01
CA TYR A 356 -13.07 -0.33 -3.72
C TYR A 356 -11.64 -0.76 -3.33
N GLU A 357 -11.37 -2.05 -3.43
CA GLU A 357 -10.09 -2.59 -3.00
C GLU A 357 -8.96 -2.14 -3.90
N VAL A 358 -9.20 -2.11 -5.21
CA VAL A 358 -8.16 -1.69 -6.18
C VAL A 358 -7.74 -0.25 -5.91
N LEU A 359 -8.72 0.61 -5.64
CA LEU A 359 -8.44 2.00 -5.30
C LEU A 359 -7.60 2.14 -4.04
N CYS A 360 -7.91 1.33 -3.02
CA CYS A 360 -7.26 1.41 -1.71
C CYS A 360 -5.87 0.78 -1.71
N MET A 361 -5.58 -0.05 -2.72
CA MET A 361 -4.29 -0.71 -2.84
C MET A 361 -3.15 0.23 -3.21
N ILE A 362 -3.44 1.42 -3.70
CA ILE A 362 -2.38 2.34 -4.10
C ILE A 362 -1.51 2.63 -2.89
N SER A 363 -0.24 2.28 -2.95
CA SER A 363 0.59 2.30 -1.75
C SER A 363 1.23 3.67 -1.44
N ARG A 364 1.78 3.74 -0.25
CA ARG A 364 2.37 4.94 0.32
C ARG A 364 3.35 5.66 -0.62
N ARG A 365 4.22 4.91 -1.29
CA ARG A 365 5.26 5.56 -2.11
C ARG A 365 4.74 6.19 -3.41
N VAL A 366 3.51 5.88 -3.78
CA VAL A 366 2.90 6.48 -4.94
C VAL A 366 2.41 7.90 -4.64
N ASP A 367 3.14 8.90 -5.12
CA ASP A 367 2.75 10.29 -4.94
C ASP A 367 1.36 10.54 -5.52
N ARG A 368 0.57 11.32 -4.78
CA ARG A 368 -0.70 11.78 -5.26
C ARG A 368 -0.42 13.11 -5.91
N VAL A 369 -0.80 13.27 -7.18
CA VAL A 369 -0.69 14.57 -7.83
C VAL A 369 -2.07 15.01 -8.28
N TYR A 370 -2.40 16.26 -7.99
CA TYR A 370 -3.75 16.74 -8.21
C TYR A 370 -3.79 17.67 -9.39
N MET A 371 -4.79 17.44 -10.24
CA MET A 371 -4.98 18.17 -11.47
C MET A 371 -6.26 18.98 -11.38
N GLU A 372 -6.31 20.05 -12.14
CA GLU A 372 -7.41 20.98 -12.08
C GLU A 372 -7.30 21.84 -13.32
N ASN A 373 -8.28 21.78 -14.21
CA ASN A 373 -8.21 22.40 -15.53
C ASN A 373 -7.01 21.94 -16.30
N ASN A 374 -6.69 20.67 -16.20
CA ASN A 374 -5.63 20.05 -16.94
C ASN A 374 -4.25 20.58 -16.63
N GLU A 375 -4.12 21.20 -15.48
CA GLU A 375 -2.87 21.68 -14.99
C GLU A 375 -2.63 21.01 -13.68
N LEU A 376 -1.38 20.71 -13.41
CA LEU A 376 -1.00 20.16 -12.14
C LEU A 376 -1.03 21.28 -11.14
N VAL A 377 -1.72 21.09 -10.02
CA VAL A 377 -1.79 22.12 -9.00
C VAL A 377 -1.15 21.73 -7.67
N GLN A 378 -0.77 20.46 -7.51
CA GLN A 378 -0.33 19.98 -6.20
C GLN A 378 0.22 18.58 -6.29
N ILE A 379 1.31 18.34 -5.56
CA ILE A 379 1.96 17.03 -5.53
C ILE A 379 2.22 16.69 -4.08
N ASN A 380 1.72 15.53 -3.65
CA ASN A 380 1.92 15.04 -2.29
C ASN A 380 2.74 13.78 -2.25
N SER A 381 3.88 13.84 -1.56
CA SER A 381 4.69 12.66 -1.27
C SER A 381 4.34 12.21 0.13
N TYR A 382 4.14 10.92 0.33
CA TYR A 382 3.91 10.40 1.67
C TYR A 382 5.21 9.90 2.30
N LEU A 383 6.34 10.10 1.63
CA LEU A 383 7.68 9.75 2.13
C LEU A 383 8.48 10.99 2.60
N LEU A 384 8.25 12.16 2.00
CA LEU A 384 9.15 13.32 2.19
C LEU A 384 8.54 14.60 2.82
N LYS B 3 0.26 3.64 25.15
CA LYS B 3 1.29 3.88 24.12
C LYS B 3 0.75 3.60 22.71
N ILE B 4 0.31 2.36 22.41
CA ILE B 4 -0.34 2.07 21.11
C ILE B 4 -1.80 2.50 21.14
N THR B 5 -2.14 3.51 20.32
CA THR B 5 -3.51 4.01 20.25
C THR B 5 -4.25 3.61 18.99
N VAL B 6 -3.56 3.00 18.03
CA VAL B 6 -4.24 2.45 16.87
C VAL B 6 -4.76 1.04 17.18
N PRO B 7 -5.88 0.66 16.55
CA PRO B 7 -6.45 -0.67 16.76
C PRO B 7 -5.70 -1.78 16.02
N THR B 8 -4.93 -1.39 15.00
CA THR B 8 -4.26 -2.33 14.15
C THR B 8 -2.85 -1.82 13.84
N TRP B 9 -1.84 -2.66 14.06
CA TRP B 9 -0.45 -2.26 13.86
C TRP B 9 0.42 -3.39 13.32
N ALA B 10 1.59 -3.01 12.83
CA ALA B 10 2.62 -3.96 12.41
C ALA B 10 3.73 -3.91 13.44
N GLU B 11 3.91 -4.98 14.15
CA GLU B 11 4.94 -5.09 15.14
C GLU B 11 6.21 -5.61 14.54
N ILE B 12 7.27 -4.83 14.66
CA ILE B 12 8.55 -5.22 14.14
C ILE B 12 9.55 -5.51 15.26
N ASN B 13 10.09 -6.73 15.24
CA ASN B 13 11.07 -7.16 16.21
C ASN B 13 12.47 -6.91 15.75
N LEU B 14 13.06 -5.88 16.31
CA LEU B 14 14.42 -5.48 15.96
C LEU B 14 15.45 -6.54 16.32
N ASP B 15 15.21 -7.25 17.43
CA ASP B 15 16.11 -8.34 17.83
C ASP B 15 16.22 -9.40 16.76
N ASN B 16 15.11 -9.76 16.14
CA ASN B 16 15.11 -10.76 15.09
C ASN B 16 15.86 -10.31 13.85
N LEU B 17 15.72 -9.04 13.50
CA LEU B 17 16.49 -8.48 12.40
C LEU B 17 17.97 -8.63 12.65
N ARG B 18 18.43 -8.29 13.85
CA ARG B 18 19.84 -8.47 14.19
C ARG B 18 20.30 -9.92 14.08
N PHE B 19 19.46 -10.82 14.56
CA PHE B 19 19.72 -12.26 14.46
C PHE B 19 19.89 -12.69 13.00
N ASN B 20 18.92 -12.33 12.18
CA ASN B 20 19.00 -12.63 10.74
C ASN B 20 20.30 -12.11 10.09
N LEU B 21 20.60 -10.83 10.31
CA LEU B 21 21.78 -10.18 9.72
C LEU B 21 23.04 -10.86 10.15
N ASN B 22 23.12 -11.20 11.43
CA ASN B 22 24.30 -11.87 11.93
C ASN B 22 24.47 -13.26 11.37
N ASN B 23 23.38 -13.98 11.19
CA ASN B 23 23.47 -15.29 10.54
C ASN B 23 23.82 -15.16 9.05
N ILE B 24 23.39 -14.08 8.42
CA ILE B 24 23.84 -13.78 7.06
C ILE B 24 25.34 -13.51 7.04
N LYS B 25 25.82 -12.64 7.93
CA LYS B 25 27.24 -12.32 7.99
C LYS B 25 28.12 -13.54 8.25
N ASN B 26 27.60 -14.53 8.99
CA ASN B 26 28.36 -15.77 9.24
C ASN B 26 28.54 -16.62 8.00
N LEU B 27 27.67 -16.46 7.01
CA LEU B 27 27.87 -17.07 5.69
C LEU B 27 28.99 -16.44 4.88
N LEU B 28 29.29 -15.18 5.14
CA LEU B 28 30.17 -14.40 4.29
C LEU B 28 31.58 -14.32 4.84
N GLU B 29 32.55 -14.30 3.94
CA GLU B 29 33.94 -14.09 4.32
C GLU B 29 34.15 -12.62 4.65
N GLU B 30 35.19 -12.33 5.44
CA GLU B 30 35.45 -11.00 5.95
C GLU B 30 35.37 -9.89 4.89
N ASP B 31 35.92 -10.13 3.70
CA ASP B 31 36.07 -9.08 2.68
C ASP B 31 34.85 -8.86 1.76
N ILE B 32 33.82 -9.69 1.89
CA ILE B 32 32.63 -9.54 1.04
C ILE B 32 31.66 -8.55 1.66
N LYS B 33 31.21 -7.58 0.86
CA LYS B 33 30.34 -6.53 1.35
C LYS B 33 28.89 -6.95 1.35
N ILE B 34 28.11 -6.33 2.23
CA ILE B 34 26.67 -6.58 2.28
C ILE B 34 25.94 -5.33 1.85
N CYS B 35 25.00 -5.51 0.93
CA CYS B 35 24.06 -4.48 0.58
C CYS B 35 22.74 -4.90 1.20
N GLY B 36 22.20 -4.08 2.07
CA GLY B 36 20.91 -4.34 2.65
C GLY B 36 19.83 -3.77 1.75
N VAL B 37 18.98 -4.64 1.22
CA VAL B 37 17.94 -4.21 0.30
C VAL B 37 16.71 -3.79 1.12
N ILE B 38 16.38 -2.50 1.08
CA ILE B 38 15.29 -1.93 1.90
C ILE B 38 14.31 -1.11 1.08
N LYS B 39 14.08 -1.55 -0.14
CA LYS B 39 13.09 -0.92 -0.99
C LYS B 39 11.69 -1.32 -0.53
N ALA B 40 10.70 -0.58 -1.03
CA ALA B 40 9.32 -0.78 -0.64
C ALA B 40 9.17 -0.68 0.90
N ASP B 41 9.79 0.34 1.47
CA ASP B 41 9.77 0.59 2.91
C ASP B 41 10.29 -0.63 3.69
N ALA B 42 11.42 -1.15 3.21
CA ALA B 42 12.03 -2.35 3.76
C ALA B 42 11.01 -3.49 3.78
N TYR B 43 10.40 -3.71 2.63
CA TYR B 43 9.41 -4.77 2.45
C TYR B 43 8.33 -4.66 3.53
N GLY B 44 7.87 -3.43 3.77
CA GLY B 44 6.78 -3.18 4.71
C GLY B 44 7.18 -2.93 6.16
N HIS B 45 8.44 -3.19 6.52
CA HIS B 45 8.91 -3.11 7.91
C HIS B 45 9.30 -1.70 8.37
N GLY B 46 9.57 -0.80 7.42
CA GLY B 46 9.96 0.57 7.75
C GLY B 46 11.43 0.85 7.38
N ALA B 47 11.62 1.43 6.23
CA ALA B 47 12.95 1.62 5.69
C ALA B 47 13.82 2.50 6.56
N VAL B 48 13.26 3.58 7.07
CA VAL B 48 14.08 4.48 7.90
C VAL B 48 14.60 3.74 9.12
N GLU B 49 13.72 3.06 9.84
CA GLU B 49 14.14 2.39 11.08
C GLU B 49 15.08 1.23 10.78
N VAL B 50 14.77 0.44 9.76
CA VAL B 50 15.61 -0.69 9.42
C VAL B 50 16.98 -0.20 8.94
N ALA B 51 17.01 0.93 8.27
CA ALA B 51 18.29 1.53 7.87
C ALA B 51 19.09 1.96 9.08
N LYS B 52 18.42 2.57 10.07
CA LYS B 52 19.11 2.99 11.30
C LYS B 52 19.80 1.80 11.96
N LEU B 53 19.09 0.69 12.01
CA LEU B 53 19.62 -0.53 12.58
C LEU B 53 20.80 -1.03 11.74
N LEU B 54 20.67 -0.98 10.43
CA LEU B 54 21.75 -1.46 9.55
C LEU B 54 23.03 -0.61 9.65
N GLU B 55 22.88 0.71 9.81
CA GLU B 55 24.05 1.57 10.06
C GLU B 55 24.70 1.18 11.37
N LYS B 56 23.89 0.87 12.37
CA LYS B 56 24.44 0.47 13.65
C LYS B 56 25.15 -0.87 13.51
N GLU B 57 24.48 -1.87 12.94
CA GLU B 57 25.08 -3.18 12.76
C GLU B 57 26.16 -3.18 11.70
N LYS B 58 26.32 -2.08 10.98
CA LYS B 58 27.37 -1.90 9.99
C LYS B 58 27.09 -2.81 8.82
N VAL B 59 26.69 -2.19 7.73
CA VAL B 59 26.52 -2.84 6.46
C VAL B 59 27.20 -1.88 5.47
N ASP B 60 27.44 -2.31 4.25
CA ASP B 60 28.28 -1.53 3.35
C ASP B 60 27.46 -0.66 2.40
N TYR B 61 26.26 -1.08 2.08
CA TYR B 61 25.45 -0.33 1.15
C TYR B 61 23.99 -0.56 1.51
N LEU B 62 23.14 0.39 1.14
CA LEU B 62 21.70 0.22 1.21
C LEU B 62 21.19 0.28 -0.20
N ALA B 63 20.17 -0.50 -0.49
CA ALA B 63 19.55 -0.45 -1.82
C ALA B 63 18.07 -0.10 -1.72
N VAL B 64 17.61 0.73 -2.66
CA VAL B 64 16.21 1.14 -2.76
C VAL B 64 15.72 0.99 -4.21
N ALA B 65 14.42 1.20 -4.42
CA ALA B 65 13.81 1.06 -5.75
C ALA B 65 13.46 2.39 -6.38
N ARG B 66 13.59 3.48 -5.62
CA ARG B 66 13.11 4.77 -6.08
C ARG B 66 13.94 5.88 -5.46
N THR B 67 14.17 6.94 -6.23
CA THR B 67 14.91 8.11 -5.74
C THR B 67 14.34 8.56 -4.37
N ALA B 68 13.01 8.63 -4.29
CA ALA B 68 12.35 9.17 -3.11
C ALA B 68 12.62 8.29 -1.88
N GLU B 69 12.66 6.97 -2.07
CA GLU B 69 12.99 6.07 -0.97
C GLU B 69 14.39 6.39 -0.49
N GLY B 70 15.27 6.70 -1.45
CA GLY B 70 16.65 7.12 -1.14
C GLY B 70 16.71 8.40 -0.34
N ILE B 71 15.92 9.38 -0.75
CA ILE B 71 15.95 10.70 -0.14
C ILE B 71 15.30 10.69 1.21
N GLU B 72 14.28 9.84 1.40
CA GLU B 72 13.63 9.69 2.70
C GLU B 72 14.66 9.24 3.75
N LEU B 73 15.51 8.29 3.37
CA LEU B 73 16.61 7.85 4.23
C LEU B 73 17.60 8.97 4.54
N ARG B 74 17.92 9.78 3.56
CA ARG B 74 18.85 10.90 3.78
C ARG B 74 18.25 11.94 4.72
N GLN B 75 16.96 12.23 4.53
CA GLN B 75 16.26 13.21 5.35
C GLN B 75 16.11 12.75 6.77
N ASN B 76 16.37 11.46 7.01
CA ASN B 76 16.33 10.92 8.34
C ASN B 76 17.71 10.52 8.83
N GLY B 77 18.72 11.26 8.41
CA GLY B 77 20.06 11.13 9.00
C GLY B 77 20.97 10.02 8.48
N ILE B 78 20.48 9.20 7.55
CA ILE B 78 21.26 8.07 7.06
C ILE B 78 22.43 8.56 6.20
N THR B 79 23.64 8.03 6.45
CA THR B 79 24.85 8.40 5.71
C THR B 79 25.44 7.28 4.84
N LEU B 80 24.91 6.07 4.95
CA LEU B 80 25.44 4.96 4.16
C LEU B 80 25.26 5.19 2.68
N PRO B 81 26.12 4.56 1.87
CA PRO B 81 25.89 4.62 0.44
C PRO B 81 24.54 4.02 0.14
N ILE B 82 23.79 4.67 -0.74
CA ILE B 82 22.49 4.18 -1.14
C ILE B 82 22.52 3.99 -2.66
N LEU B 83 22.02 2.84 -3.10
CA LEU B 83 21.92 2.53 -4.52
C LEU B 83 20.46 2.41 -4.94
N ASN B 84 20.02 3.27 -5.85
CA ASN B 84 18.75 3.06 -6.53
C ASN B 84 18.92 1.93 -7.54
N LEU B 85 18.31 0.79 -7.25
CA LEU B 85 18.39 -0.41 -8.10
C LEU B 85 17.70 -0.29 -9.44
N GLY B 86 16.74 0.62 -9.58
CA GLY B 86 15.99 0.76 -10.82
C GLY B 86 16.09 2.07 -11.59
N TYR B 87 15.07 2.31 -12.42
CA TYR B 87 14.94 3.52 -13.24
C TYR B 87 14.92 4.81 -12.43
N THR B 88 15.76 5.76 -12.84
CA THR B 88 15.71 7.12 -12.37
C THR B 88 15.28 8.00 -13.56
N PRO B 89 14.09 8.63 -13.46
CA PRO B 89 13.68 9.57 -14.50
C PRO B 89 14.59 10.77 -14.53
N ASP B 90 14.62 11.48 -15.65
CA ASP B 90 15.54 12.61 -15.80
C ASP B 90 15.23 13.71 -14.83
N GLU B 91 13.95 13.84 -14.50
CA GLU B 91 13.46 14.85 -13.57
C GLU B 91 14.08 14.69 -12.18
N ALA B 92 14.69 13.53 -11.92
CA ALA B 92 15.19 13.22 -10.58
C ALA B 92 16.70 13.02 -10.51
N PHE B 93 17.43 13.30 -11.60
CA PHE B 93 18.89 13.19 -11.57
C PHE B 93 19.51 14.16 -10.56
N GLU B 94 19.11 15.42 -10.65
CA GLU B 94 19.66 16.46 -9.79
C GLU B 94 19.52 16.08 -8.33
N ASP B 95 18.31 15.67 -7.94
CA ASP B 95 18.03 15.28 -6.57
C ASP B 95 18.85 14.08 -6.16
N SER B 96 19.01 13.10 -7.06
CA SER B 96 19.85 11.93 -6.78
C SER B 96 21.28 12.35 -6.47
N ILE B 97 21.83 13.25 -7.27
CA ILE B 97 23.24 13.64 -7.11
C ILE B 97 23.46 14.47 -5.85
N LYS B 98 22.56 15.42 -5.61
CA LYS B 98 22.60 16.28 -4.44
C LYS B 98 22.48 15.50 -3.13
N ASN B 99 21.81 14.35 -3.16
CA ASN B 99 21.58 13.52 -1.96
C ASN B 99 22.46 12.27 -1.95
N LYS B 100 23.50 12.25 -2.78
CA LYS B 100 24.39 11.12 -2.89
C LYS B 100 23.66 9.79 -2.95
N ILE B 101 22.76 9.68 -3.92
CA ILE B 101 22.11 8.40 -4.28
C ILE B 101 22.73 7.83 -5.53
N THR B 102 23.33 6.65 -5.38
CA THR B 102 23.99 6.01 -6.49
C THR B 102 22.93 5.51 -7.46
N MET B 103 23.09 5.87 -8.73
CA MET B 103 22.10 5.55 -9.74
C MET B 103 22.47 4.33 -10.56
N THR B 104 21.49 3.47 -10.80
CA THR B 104 21.63 2.39 -11.77
C THR B 104 21.51 3.00 -13.16
N VAL B 105 22.40 2.59 -14.06
CA VAL B 105 22.44 3.11 -15.42
C VAL B 105 22.48 1.92 -16.36
N TYR B 106 21.71 1.97 -17.45
CA TYR B 106 21.72 0.87 -18.40
C TYR B 106 21.69 1.29 -19.85
N SER B 107 22.04 2.55 -20.09
CA SER B 107 22.25 3.06 -21.44
C SER B 107 23.23 4.23 -21.40
N LEU B 108 23.90 4.47 -22.53
CA LEU B 108 24.88 5.55 -22.60
C LEU B 108 24.19 6.92 -22.64
N GLU B 109 23.00 6.98 -23.20
CA GLU B 109 22.23 8.22 -23.25
C GLU B 109 21.94 8.73 -21.86
N THR B 110 21.44 7.82 -21.03
CA THR B 110 21.16 8.12 -19.65
C THR B 110 22.42 8.67 -18.98
N ALA B 111 23.51 7.93 -19.12
CA ALA B 111 24.78 8.30 -18.51
C ALA B 111 25.22 9.71 -18.91
N GLN B 112 25.05 10.04 -20.20
CA GLN B 112 25.45 11.34 -20.72
C GLN B 112 24.63 12.49 -20.18
N LYS B 113 23.33 12.28 -20.03
CA LYS B 113 22.47 13.33 -19.49
C LYS B 113 22.76 13.53 -18.02
N ILE B 114 22.94 12.43 -17.29
CA ILE B 114 23.36 12.48 -15.88
C ILE B 114 24.64 13.30 -15.76
N ASN B 115 25.56 13.01 -16.66
CA ASN B 115 26.85 13.68 -16.70
C ASN B 115 26.74 15.21 -16.83
N GLU B 116 25.82 15.64 -17.69
CA GLU B 116 25.60 17.07 -17.87
C GLU B 116 25.08 17.72 -16.60
N ILE B 117 24.20 17.02 -15.90
CA ILE B 117 23.66 17.55 -14.65
C ILE B 117 24.74 17.61 -13.57
N ALA B 118 25.52 16.55 -13.47
CA ALA B 118 26.64 16.46 -12.53
C ALA B 118 27.66 17.55 -12.80
N LYS B 119 27.95 17.81 -14.06
CA LYS B 119 28.79 18.91 -14.45
C LYS B 119 28.15 20.21 -14.07
N SER B 120 26.85 20.32 -14.26
CA SER B 120 26.15 21.52 -13.95
C SER B 120 26.24 21.85 -12.51
N LEU B 121 26.13 20.84 -11.68
CA LEU B 121 26.21 20.96 -10.24
C LEU B 121 27.63 20.98 -9.72
N GLY B 122 28.57 20.68 -10.59
CA GLY B 122 29.97 20.69 -10.21
C GLY B 122 30.34 19.62 -9.20
N GLU B 123 29.78 18.42 -9.35
CA GLU B 123 30.20 17.27 -8.55
C GLU B 123 29.86 15.97 -9.27
N LYS B 124 30.63 14.92 -9.00
CA LYS B 124 30.45 13.62 -9.66
C LYS B 124 29.14 12.93 -9.25
N ALA B 125 28.54 12.22 -10.20
CA ALA B 125 27.44 11.31 -9.92
C ALA B 125 28.04 9.93 -9.80
N CYS B 126 27.66 9.20 -8.75
CA CYS B 126 28.07 7.83 -8.59
C CYS B 126 27.04 6.97 -9.28
N VAL B 127 27.50 6.00 -10.07
CA VAL B 127 26.60 5.15 -10.84
C VAL B 127 27.05 3.70 -10.81
N HIS B 128 26.07 2.82 -10.94
CA HIS B 128 26.32 1.41 -11.12
C HIS B 128 25.70 1.00 -12.42
N VAL B 129 26.40 0.18 -13.19
CA VAL B 129 25.90 -0.29 -14.48
C VAL B 129 25.14 -1.60 -14.30
N KCX B 130 23.94 -1.66 -14.87
CA KCX B 130 23.10 -2.87 -14.86
CB KCX B 130 21.61 -2.55 -14.83
CG KCX B 130 20.82 -3.44 -13.90
CD KCX B 130 20.45 -4.78 -14.46
CE KCX B 130 19.99 -5.77 -13.40
NZ KCX B 130 18.55 -5.74 -13.20
C KCX B 130 23.33 -3.66 -16.11
O KCX B 130 23.27 -3.09 -17.21
CX KCX B 130 17.73 -6.39 -14.02
OQ1 KCX B 130 18.08 -7.06 -14.99
OQ2 KCX B 130 16.43 -6.33 -13.77
N ILE B 131 23.54 -4.97 -15.97
CA ILE B 131 23.66 -5.87 -17.09
C ILE B 131 22.46 -6.78 -17.12
N ASP B 132 21.82 -6.89 -18.29
CA ASP B 132 20.69 -7.79 -18.46
C ASP B 132 21.30 -9.13 -18.80
N SER B 133 21.32 -10.03 -17.82
CA SER B 133 22.02 -11.31 -17.96
C SER B 133 21.08 -12.47 -18.27
N GLY B 134 19.76 -12.21 -18.30
CA GLY B 134 18.76 -13.27 -18.42
C GLY B 134 17.37 -13.01 -17.83
N MET B 135 17.26 -12.00 -16.97
CA MET B 135 15.97 -11.55 -16.40
C MET B 135 15.08 -10.90 -17.47
N THR B 136 15.71 -10.14 -18.38
CA THR B 136 15.02 -9.44 -19.46
C THR B 136 14.20 -8.27 -18.89
N ARG B 137 14.71 -7.68 -17.81
CA ARG B 137 13.98 -6.60 -17.14
C ARG B 137 14.67 -5.29 -17.46
N ILE B 138 15.79 -5.03 -16.79
CA ILE B 138 16.53 -3.79 -16.93
C ILE B 138 17.94 -4.21 -17.34
N GLY B 139 18.72 -3.27 -17.90
CA GLY B 139 20.16 -3.48 -18.16
C GLY B 139 20.61 -3.57 -19.61
N PHE B 140 21.89 -3.24 -19.79
CA PHE B 140 22.64 -3.49 -21.04
C PHE B 140 22.63 -4.98 -21.40
N GLN B 141 22.49 -5.27 -22.70
CA GLN B 141 22.63 -6.66 -23.17
C GLN B 141 24.11 -7.07 -23.03
N PRO B 142 24.37 -8.38 -22.82
CA PRO B 142 25.75 -8.83 -22.64
C PRO B 142 26.46 -9.09 -23.96
N ASN B 143 26.79 -8.02 -24.67
CA ASN B 143 27.42 -8.13 -25.98
C ASN B 143 28.56 -7.13 -26.18
N GLU B 144 29.24 -7.27 -27.31
CA GLU B 144 30.37 -6.41 -27.66
C GLU B 144 29.97 -4.94 -27.75
N GLU B 145 28.75 -4.68 -28.21
CA GLU B 145 28.26 -3.30 -28.32
C GLU B 145 28.18 -2.62 -26.96
N SER B 146 27.54 -3.29 -26.00
CA SER B 146 27.43 -2.78 -24.63
C SER B 146 28.79 -2.51 -24.00
N VAL B 147 29.74 -3.40 -24.23
CA VAL B 147 31.08 -3.22 -23.69
C VAL B 147 31.64 -1.87 -24.12
N GLN B 148 31.58 -1.56 -25.41
CA GLN B 148 32.14 -0.29 -25.89
C GLN B 148 31.38 0.89 -25.31
N GLU B 149 30.06 0.76 -25.24
CA GLU B 149 29.22 1.80 -24.66
C GLU B 149 29.58 2.07 -23.20
N ILE B 150 30.01 1.03 -22.49
CA ILE B 150 30.44 1.17 -21.11
C ILE B 150 31.83 1.82 -21.00
N ILE B 151 32.77 1.40 -21.84
CA ILE B 151 34.09 2.05 -21.84
C ILE B 151 33.92 3.55 -22.07
N GLU B 152 33.01 3.87 -22.97
CA GLU B 152 32.67 5.25 -23.29
C GLU B 152 32.14 5.99 -22.06
N LEU B 153 31.09 5.46 -21.44
CA LEU B 153 30.48 6.15 -20.30
C LEU B 153 31.45 6.23 -19.12
N ASN B 154 32.34 5.25 -19.00
CA ASN B 154 33.40 5.32 -18.00
C ASN B 154 34.32 6.52 -18.17
N LYS B 155 34.43 7.04 -19.39
CA LYS B 155 35.27 8.21 -19.67
C LYS B 155 34.60 9.54 -19.37
N LEU B 156 33.28 9.54 -19.16
CA LEU B 156 32.57 10.78 -18.85
C LEU B 156 33.08 11.37 -17.56
N GLU B 157 33.78 12.50 -17.65
CA GLU B 157 34.14 13.29 -16.47
C GLU B 157 32.84 13.61 -15.74
N TYR B 158 32.85 13.70 -14.42
CA TYR B 158 31.60 13.92 -13.63
C TYR B 158 30.73 12.66 -13.47
N ILE B 159 31.27 11.48 -13.81
CA ILE B 159 30.66 10.19 -13.45
C ILE B 159 31.69 9.29 -12.76
N ASP B 160 31.31 8.73 -11.61
CA ASP B 160 32.10 7.72 -10.92
C ASP B 160 31.42 6.38 -11.20
N LEU B 161 31.89 5.68 -12.23
CA LEU B 161 31.45 4.31 -12.49
C LEU B 161 32.02 3.42 -11.40
N GLU B 162 31.23 3.21 -10.37
CA GLU B 162 31.67 2.53 -9.16
C GLU B 162 31.44 1.03 -9.23
N GLY B 163 30.29 0.62 -9.76
CA GLY B 163 29.92 -0.78 -9.73
C GLY B 163 29.22 -1.30 -10.95
N MET B 164 29.07 -2.62 -11.00
CA MET B 164 28.32 -3.25 -12.09
C MET B 164 27.61 -4.49 -11.56
N PHE B 165 26.34 -4.65 -11.93
CA PHE B 165 25.57 -5.77 -11.40
C PHE B 165 24.56 -6.34 -12.36
N THR B 166 24.16 -7.57 -12.06
CA THR B 166 23.00 -8.17 -12.69
C THR B 166 22.16 -8.83 -11.61
N HIS B 167 21.01 -9.35 -12.02
CA HIS B 167 20.05 -9.92 -11.08
C HIS B 167 19.52 -11.23 -11.67
N PHE B 168 19.44 -12.25 -10.82
CA PHE B 168 19.00 -13.57 -11.24
C PHE B 168 17.49 -13.70 -11.25
N ALA B 169 16.97 -14.43 -12.25
CA ALA B 169 15.53 -14.63 -12.42
C ALA B 169 15.05 -15.92 -11.77
N THR B 170 15.94 -16.89 -11.57
CA THR B 170 15.53 -18.20 -11.07
C THR B 170 16.45 -18.81 -10.01
N ALA B 171 17.23 -18.00 -9.31
CA ALA B 171 18.17 -18.50 -8.28
C ALA B 171 17.51 -19.20 -7.07
N ASP B 172 16.21 -19.01 -6.89
CA ASP B 172 15.47 -19.66 -5.80
C ASP B 172 14.89 -21.02 -6.20
N GLU B 173 15.09 -21.43 -7.45
CA GLU B 173 14.60 -22.71 -7.95
C GLU B 173 15.59 -23.83 -7.65
N VAL B 174 15.15 -25.07 -7.83
CA VAL B 174 16.00 -26.22 -7.53
C VAL B 174 17.26 -26.25 -8.41
N SER B 175 17.10 -26.16 -9.73
CA SER B 175 18.27 -26.22 -10.62
C SER B 175 18.81 -24.82 -10.83
N LYS B 176 20.14 -24.69 -10.79
CA LYS B 176 20.79 -23.39 -10.89
C LYS B 176 21.36 -23.16 -12.28
N GLU B 177 20.91 -23.96 -13.24
CA GLU B 177 21.47 -23.92 -14.58
C GLU B 177 21.32 -22.54 -15.18
N TYR B 178 20.09 -22.04 -15.19
CA TYR B 178 19.82 -20.74 -15.77
C TYR B 178 20.56 -19.62 -15.02
N THR B 179 20.56 -19.69 -13.70
CA THR B 179 21.36 -18.81 -12.85
C THR B 179 22.85 -18.76 -13.23
N TYR B 180 23.50 -19.89 -13.33
CA TYR B 180 24.87 -19.93 -13.82
C TYR B 180 25.01 -19.50 -15.27
N LYS B 181 24.02 -19.76 -16.10
CA LYS B 181 23.99 -19.19 -17.43
C LYS B 181 24.00 -17.67 -17.38
N GLN B 182 23.24 -17.07 -16.48
CA GLN B 182 23.26 -15.63 -16.28
C GLN B 182 24.58 -15.13 -15.76
N ALA B 183 25.16 -15.84 -14.84
CA ALA B 183 26.41 -15.45 -14.28
C ALA B 183 27.49 -15.41 -15.36
N ASN B 184 27.48 -16.36 -16.27
CA ASN B 184 28.42 -16.33 -17.37
C ASN B 184 28.26 -15.14 -18.28
N ASN B 185 27.04 -14.77 -18.59
CA ASN B 185 26.83 -13.53 -19.35
C ASN B 185 27.43 -12.32 -18.64
N TYR B 186 27.36 -12.31 -17.31
CA TYR B 186 27.96 -11.23 -16.54
C TYR B 186 29.48 -11.31 -16.62
N LYS B 187 30.03 -12.51 -16.43
CA LYS B 187 31.48 -12.74 -16.48
C LYS B 187 32.07 -12.34 -17.83
N PHE B 188 31.27 -12.46 -18.89
CA PHE B 188 31.65 -11.95 -20.21
C PHE B 188 31.94 -10.46 -20.16
N MET B 189 30.98 -9.70 -19.62
CA MET B 189 31.11 -8.26 -19.50
C MET B 189 32.23 -7.90 -18.52
N SER B 190 32.30 -8.61 -17.40
CA SER B 190 33.35 -8.41 -16.41
C SER B 190 34.75 -8.61 -16.99
N ASP B 191 34.93 -9.67 -17.78
CA ASP B 191 36.26 -9.97 -18.32
C ASP B 191 36.65 -9.02 -19.45
N LYS B 192 35.71 -8.70 -20.33
CA LYS B 192 35.98 -7.76 -21.42
C LYS B 192 36.33 -6.36 -20.91
N LEU B 193 35.68 -5.92 -19.84
CA LEU B 193 35.96 -4.61 -19.26
C LEU B 193 37.26 -4.63 -18.45
N ASP B 194 37.47 -5.68 -17.65
CA ASP B 194 38.78 -5.94 -17.05
C ASP B 194 39.86 -5.77 -18.11
N GLU B 195 39.64 -6.42 -19.26
CA GLU B 195 40.58 -6.40 -20.37
C GLU B 195 40.68 -5.04 -21.06
N ALA B 196 39.57 -4.29 -21.11
CA ALA B 196 39.60 -2.91 -21.61
C ALA B 196 40.11 -1.84 -20.61
N GLY B 197 40.69 -2.27 -19.49
CA GLY B 197 41.22 -1.32 -18.49
C GLY B 197 40.17 -0.50 -17.73
N VAL B 198 38.90 -0.90 -17.80
CA VAL B 198 37.81 -0.28 -17.04
C VAL B 198 37.74 -0.85 -15.62
N LYS B 199 37.77 0.05 -14.65
CA LYS B 199 37.97 -0.24 -13.24
C LYS B 199 36.62 -0.11 -12.57
N ILE B 200 36.17 -1.18 -11.96
CA ILE B 200 34.84 -1.26 -11.39
C ILE B 200 35.09 -1.85 -10.01
N ALA B 201 34.98 -1.01 -8.98
CA ALA B 201 35.32 -1.38 -7.61
C ALA B 201 34.35 -2.39 -7.01
N ILE B 202 33.08 -2.31 -7.38
CA ILE B 202 32.04 -3.17 -6.79
C ILE B 202 31.28 -3.96 -7.84
N LYS B 203 31.62 -5.24 -7.96
CA LYS B 203 30.87 -6.14 -8.82
C LYS B 203 30.01 -7.03 -7.92
N HIS B 204 28.74 -7.18 -8.28
CA HIS B 204 27.78 -7.93 -7.43
C HIS B 204 26.63 -8.49 -8.24
N VAL B 205 26.17 -9.67 -7.84
CA VAL B 205 25.12 -10.38 -8.58
C VAL B 205 24.13 -11.13 -7.70
N SER B 206 24.58 -11.55 -6.52
CA SER B 206 23.81 -12.46 -5.66
C SER B 206 22.67 -11.74 -4.92
N ASN B 207 21.48 -12.28 -5.08
CA ASN B 207 20.35 -11.94 -4.20
C ASN B 207 20.32 -12.92 -3.04
N SER B 208 19.26 -12.87 -2.23
CA SER B 208 19.10 -13.78 -1.09
C SER B 208 19.30 -15.26 -1.51
N ALA B 209 18.62 -15.70 -2.56
CA ALA B 209 18.69 -17.10 -2.98
C ALA B 209 20.13 -17.50 -3.32
N ALA B 210 20.81 -16.64 -4.07
CA ALA B 210 22.19 -16.87 -4.45
C ALA B 210 23.15 -16.87 -3.26
N ILE B 211 22.92 -15.97 -2.31
CA ILE B 211 23.76 -15.92 -1.10
C ILE B 211 23.70 -17.28 -0.40
N MET B 212 22.49 -17.83 -0.32
CA MET B 212 22.25 -19.09 0.34
C MET B 212 22.83 -20.28 -0.45
N ASP B 213 22.46 -20.40 -1.72
CA ASP B 213 22.73 -21.62 -2.49
C ASP B 213 23.97 -21.58 -3.39
N CYS B 214 24.50 -20.39 -3.65
CA CYS B 214 25.56 -20.20 -4.63
C CYS B 214 26.76 -19.47 -4.03
N PRO B 215 27.49 -20.11 -3.11
CA PRO B 215 28.65 -19.48 -2.43
C PRO B 215 29.83 -19.09 -3.35
N ASP B 216 29.77 -19.45 -4.64
CA ASP B 216 30.75 -19.00 -5.64
C ASP B 216 30.38 -17.67 -6.33
N LEU B 217 29.23 -17.08 -6.02
CA LEU B 217 28.80 -15.87 -6.73
C LEU B 217 28.86 -14.62 -5.86
N ARG B 218 29.85 -14.59 -4.97
CA ARG B 218 29.98 -13.52 -3.98
C ARG B 218 30.54 -12.26 -4.58
N LEU B 219 31.56 -12.40 -5.40
CA LEU B 219 32.21 -11.25 -5.99
C LEU B 219 32.55 -10.24 -4.87
N ASN B 220 32.34 -8.95 -5.10
CA ASN B 220 32.75 -7.94 -4.15
C ASN B 220 31.71 -7.68 -3.08
N MET B 221 30.45 -8.06 -3.38
CA MET B 221 29.30 -7.69 -2.54
C MET B 221 28.08 -8.54 -2.90
N VAL B 222 27.22 -8.76 -1.91
CA VAL B 222 25.94 -9.45 -2.12
C VAL B 222 24.78 -8.56 -1.69
N ARG B 223 23.58 -8.89 -2.18
CA ARG B 223 22.40 -8.09 -1.95
C ARG B 223 21.39 -8.91 -1.16
N ALA B 224 21.26 -8.59 0.13
CA ALA B 224 20.37 -9.34 1.03
C ALA B 224 19.05 -8.61 1.20
N GLY B 225 17.97 -9.24 0.78
CA GLY B 225 16.63 -8.67 0.85
C GLY B 225 15.72 -9.46 1.77
N ILE B 226 14.97 -10.39 1.20
CA ILE B 226 13.94 -11.13 1.93
C ILE B 226 14.48 -11.76 3.21
N ILE B 227 15.70 -12.28 3.17
CA ILE B 227 16.26 -13.01 4.31
C ILE B 227 16.57 -12.11 5.52
N LEU B 228 16.82 -10.84 5.24
CA LEU B 228 17.03 -9.86 6.29
C LEU B 228 15.81 -9.82 7.25
N TYR B 229 14.63 -9.93 6.65
CA TYR B 229 13.35 -9.78 7.35
C TYR B 229 12.85 -11.10 7.97
N GLY B 230 13.62 -12.18 7.80
CA GLY B 230 13.32 -13.45 8.44
C GLY B 230 12.55 -14.42 7.59
N HIS B 231 12.61 -14.23 6.26
CA HIS B 231 11.86 -15.07 5.33
C HIS B 231 12.76 -15.61 4.20
N TYR B 232 12.39 -16.78 3.69
CA TYR B 232 13.12 -17.43 2.61
C TYR B 232 12.54 -17.01 1.27
N PRO B 233 13.39 -16.87 0.24
CA PRO B 233 12.85 -16.50 -1.07
C PRO B 233 12.03 -17.62 -1.71
N SER B 234 12.20 -18.85 -1.25
CA SER B 234 11.32 -19.96 -1.66
C SER B 234 11.47 -21.14 -0.73
N ASP B 235 10.70 -22.18 -0.99
CA ASP B 235 10.86 -23.45 -0.29
C ASP B 235 11.96 -24.31 -0.88
N ASP B 236 12.54 -23.88 -1.99
CA ASP B 236 13.49 -24.70 -2.73
C ASP B 236 14.95 -24.42 -2.35
N VAL B 237 15.21 -23.26 -1.73
CA VAL B 237 16.57 -22.90 -1.27
C VAL B 237 17.04 -23.79 -0.10
N PHE B 238 18.34 -23.77 0.18
CA PHE B 238 18.91 -24.57 1.25
C PHE B 238 18.70 -23.87 2.60
N LYS B 239 17.52 -24.07 3.18
CA LYS B 239 17.13 -23.38 4.40
C LYS B 239 18.04 -23.74 5.58
N ASP B 240 18.49 -24.99 5.61
CA ASP B 240 19.42 -25.46 6.64
C ASP B 240 20.78 -24.71 6.68
N ARG B 241 21.09 -23.96 5.65
CA ARG B 241 22.22 -23.08 5.64
C ARG B 241 22.11 -21.88 6.53
N LEU B 242 20.91 -21.32 6.62
CA LEU B 242 20.67 -20.07 7.32
C LEU B 242 19.43 -20.02 8.19
N GLU B 243 19.60 -19.77 9.47
CA GLU B 243 18.51 -19.75 10.42
C GLU B 243 17.88 -18.40 10.52
N LEU B 244 16.58 -18.33 10.33
CA LEU B 244 15.88 -17.06 10.27
C LEU B 244 14.75 -16.87 11.26
N ARG B 245 14.63 -15.67 11.80
CA ARG B 245 13.46 -15.27 12.52
C ARG B 245 12.68 -14.14 11.85
N PRO B 246 11.37 -14.50 11.51
CA PRO B 246 10.60 -13.39 10.93
C PRO B 246 10.48 -12.18 11.87
N ALA B 247 10.56 -10.99 11.32
CA ALA B 247 10.56 -9.78 12.15
C ALA B 247 9.16 -9.16 12.36
N MET B 248 8.22 -9.40 11.44
CA MET B 248 6.94 -8.69 11.46
C MET B 248 5.78 -9.54 11.93
N LYS B 249 5.01 -8.96 12.82
CA LYS B 249 3.74 -9.47 13.24
C LYS B 249 2.67 -8.45 12.98
N LEU B 250 1.65 -8.82 12.23
CA LEU B 250 0.57 -7.93 11.92
C LEU B 250 -0.57 -8.22 12.89
N LYS B 251 -0.95 -7.22 13.67
CA LYS B 251 -1.81 -7.40 14.79
C LYS B 251 -3.03 -6.48 14.79
N SER B 252 -4.09 -6.95 15.40
CA SER B 252 -5.23 -6.09 15.72
C SER B 252 -5.76 -6.47 17.12
N LYS B 253 -6.90 -5.88 17.49
CA LYS B 253 -7.53 -6.06 18.80
C LYS B 253 -8.96 -6.55 18.56
N ILE B 254 -9.54 -7.34 19.45
CA ILE B 254 -10.95 -7.67 19.28
C ILE B 254 -11.78 -6.45 19.66
N GLY B 255 -12.53 -5.96 18.68
CA GLY B 255 -13.31 -4.74 18.84
C GLY B 255 -14.71 -4.99 19.39
N HIS B 256 -15.28 -6.15 19.08
CA HIS B 256 -16.59 -6.53 19.54
C HIS B 256 -16.75 -8.00 19.61
N ILE B 257 -17.62 -8.46 20.51
CA ILE B 257 -18.02 -9.87 20.58
C ILE B 257 -19.55 -10.01 20.59
N LYS B 258 -20.07 -11.10 20.02
CA LYS B 258 -21.49 -11.29 19.88
C LYS B 258 -21.81 -12.76 19.83
N GLN B 259 -22.92 -13.15 20.44
CA GLN B 259 -23.48 -14.48 20.19
C GLN B 259 -24.55 -14.27 19.14
N GLU B 278 -23.59 -18.96 17.11
CA GLU B 278 -22.14 -18.85 16.95
C GLU B 278 -21.63 -17.60 17.66
N THR B 279 -20.42 -17.68 18.19
CA THR B 279 -19.73 -16.51 18.73
C THR B 279 -18.92 -15.87 17.62
N ILE B 280 -19.25 -14.61 17.33
CA ILE B 280 -18.61 -13.85 16.25
C ILE B 280 -17.88 -12.68 16.85
N ALA B 281 -16.60 -12.61 16.53
CA ALA B 281 -15.73 -11.53 16.93
C ALA B 281 -15.47 -10.61 15.77
N THR B 282 -15.56 -9.34 16.01
CA THR B 282 -15.35 -8.35 15.00
C THR B 282 -14.00 -7.73 15.29
N VAL B 283 -13.15 -7.69 14.27
CA VAL B 283 -11.80 -7.16 14.38
C VAL B 283 -11.60 -5.97 13.47
N PRO B 284 -11.07 -4.90 13.99
CA PRO B 284 -10.91 -3.68 13.22
C PRO B 284 -9.67 -3.70 12.31
N ILE B 285 -9.60 -4.69 11.43
CA ILE B 285 -8.65 -4.70 10.33
C ILE B 285 -9.40 -5.12 9.09
N GLY B 286 -9.07 -4.51 7.96
CA GLY B 286 -9.73 -4.82 6.70
C GLY B 286 -8.79 -4.74 5.50
N TYR B 287 -9.37 -4.84 4.30
CA TYR B 287 -8.55 -4.85 3.08
C TYR B 287 -7.79 -3.55 2.82
N ALA B 288 -8.24 -2.45 3.43
CA ALA B 288 -7.53 -1.18 3.33
C ALA B 288 -6.35 -1.05 4.30
N ASP B 289 -6.14 -2.08 5.11
CA ASP B 289 -4.92 -2.24 5.88
C ASP B 289 -3.96 -3.22 5.19
N GLY B 290 -4.38 -3.78 4.06
CA GLY B 290 -3.57 -4.77 3.35
C GLY B 290 -3.95 -6.21 3.60
N PHE B 291 -4.95 -6.46 4.46
CA PHE B 291 -5.49 -7.80 4.66
C PHE B 291 -6.48 -8.07 3.53
N THR B 292 -5.95 -8.52 2.39
CA THR B 292 -6.70 -8.47 1.14
C THR B 292 -7.92 -9.34 1.14
N ARG B 293 -8.98 -8.80 0.55
CA ARG B 293 -10.27 -9.46 0.41
C ARG B 293 -10.21 -10.67 -0.51
N ILE B 294 -9.16 -10.76 -1.32
CA ILE B 294 -8.99 -11.84 -2.27
C ILE B 294 -8.79 -13.20 -1.58
N GLN B 295 -8.24 -13.19 -0.38
CA GLN B 295 -8.02 -14.43 0.39
C GLN B 295 -9.26 -15.30 0.37
N LYS B 296 -9.14 -16.56 -0.01
CA LYS B 296 -10.30 -17.46 -0.02
C LYS B 296 -10.47 -18.18 1.30
N ASN B 297 -9.38 -18.30 2.07
CA ASN B 297 -9.40 -18.98 3.36
C ASN B 297 -8.70 -18.16 4.44
N PRO B 298 -9.24 -16.96 4.73
CA PRO B 298 -8.58 -16.08 5.68
C PRO B 298 -8.72 -16.62 7.09
N LYS B 299 -7.65 -16.50 7.88
CA LYS B 299 -7.61 -17.02 9.23
C LYS B 299 -6.90 -16.04 10.15
N VAL B 300 -7.08 -16.26 11.44
CA VAL B 300 -6.46 -15.46 12.50
C VAL B 300 -6.06 -16.35 13.65
N LEU B 301 -5.13 -15.86 14.45
CA LEU B 301 -4.68 -16.55 15.63
C LEU B 301 -5.16 -15.73 16.81
N ILE B 302 -5.83 -16.37 17.76
CA ILE B 302 -6.25 -15.71 19.00
C ILE B 302 -6.05 -16.68 20.17
N LYS B 303 -5.36 -16.22 21.22
CA LYS B 303 -5.01 -17.08 22.36
C LYS B 303 -4.51 -18.43 21.89
N GLY B 304 -3.59 -18.40 20.94
CA GLY B 304 -2.92 -19.62 20.45
C GLY B 304 -3.72 -20.54 19.55
N GLU B 305 -4.95 -20.16 19.20
CA GLU B 305 -5.82 -21.00 18.38
C GLU B 305 -6.18 -20.30 17.09
N VAL B 306 -6.27 -21.07 16.02
CA VAL B 306 -6.58 -20.52 14.72
C VAL B 306 -8.10 -20.53 14.50
N PHE B 307 -8.63 -19.47 13.90
CA PHE B 307 -10.05 -19.34 13.64
C PHE B 307 -10.29 -18.84 12.22
N ASP B 308 -11.44 -19.20 11.66
CA ASP B 308 -11.80 -18.77 10.33
C ASP B 308 -12.31 -17.35 10.37
N VAL B 309 -11.87 -16.57 9.39
CA VAL B 309 -12.51 -15.30 9.09
C VAL B 309 -13.72 -15.65 8.23
N VAL B 310 -14.87 -15.07 8.56
CA VAL B 310 -16.14 -15.46 7.92
C VAL B 310 -16.86 -14.27 7.30
N GLY B 311 -17.51 -14.50 6.17
CA GLY B 311 -18.13 -13.43 5.38
C GLY B 311 -17.03 -12.65 4.67
N ARG B 312 -17.43 -11.76 3.76
CA ARG B 312 -16.44 -10.98 3.00
C ARG B 312 -15.60 -10.12 3.95
N ILE B 313 -14.30 -10.02 3.66
CA ILE B 313 -13.44 -9.06 4.35
C ILE B 313 -13.88 -7.69 3.91
N CYS B 314 -14.09 -6.78 4.86
CA CYS B 314 -14.58 -5.43 4.59
C CYS B 314 -13.39 -4.47 4.56
N MET B 315 -13.64 -3.22 4.21
CA MET B 315 -12.58 -2.26 4.07
C MET B 315 -11.78 -2.11 5.36
N ASP B 316 -12.48 -2.07 6.49
CA ASP B 316 -11.86 -1.71 7.77
C ASP B 316 -12.07 -2.73 8.87
N GLN B 317 -12.71 -3.86 8.55
CA GLN B 317 -12.97 -4.87 9.56
C GLN B 317 -13.36 -6.22 9.00
N ILE B 318 -13.21 -7.24 9.84
CA ILE B 318 -13.55 -8.61 9.47
C ILE B 318 -14.26 -9.31 10.62
N MET B 319 -15.04 -10.35 10.29
CA MET B 319 -15.76 -11.10 11.30
C MET B 319 -15.19 -12.51 11.45
N VAL B 320 -14.87 -12.90 12.68
CA VAL B 320 -14.26 -14.19 12.95
C VAL B 320 -15.10 -15.07 13.87
N ARG B 321 -15.30 -16.32 13.46
CA ARG B 321 -16.02 -17.30 14.26
C ARG B 321 -15.13 -17.93 15.32
N ILE B 322 -15.46 -17.66 16.58
CA ILE B 322 -14.82 -18.35 17.70
C ILE B 322 -15.61 -19.60 18.01
N ASP B 323 -15.04 -20.74 17.64
CA ASP B 323 -15.70 -22.04 17.80
C ASP B 323 -14.88 -22.94 18.73
N LYS B 324 -14.23 -22.34 19.73
CA LYS B 324 -13.46 -23.06 20.73
C LYS B 324 -13.66 -22.39 22.08
N ASP B 325 -13.57 -23.16 23.15
CA ASP B 325 -13.95 -22.67 24.46
C ASP B 325 -12.83 -21.89 25.08
N ILE B 326 -12.61 -20.68 24.58
CA ILE B 326 -11.61 -19.83 25.17
C ILE B 326 -12.17 -18.58 25.73
N ASP B 327 -11.56 -18.11 26.78
CA ASP B 327 -11.99 -16.89 27.39
C ASP B 327 -11.36 -15.78 26.60
N ILE B 328 -12.21 -14.97 26.03
CA ILE B 328 -11.87 -13.94 25.07
C ILE B 328 -12.72 -12.73 25.35
N LYS B 329 -12.07 -11.58 25.44
CA LYS B 329 -12.77 -10.34 25.70
C LYS B 329 -12.36 -9.25 24.71
N VAL B 330 -13.18 -8.22 24.62
CA VAL B 330 -12.87 -7.06 23.81
C VAL B 330 -11.51 -6.56 24.27
N GLY B 331 -10.68 -6.15 23.31
CA GLY B 331 -9.34 -5.67 23.62
C GLY B 331 -8.27 -6.72 23.44
N ASP B 332 -8.63 -8.00 23.58
CA ASP B 332 -7.69 -9.11 23.36
C ASP B 332 -7.00 -9.04 22.00
N GLU B 333 -5.83 -9.65 21.93
CA GLU B 333 -4.95 -9.46 20.81
C GLU B 333 -5.22 -10.49 19.72
N VAL B 334 -5.24 -10.02 18.48
CA VAL B 334 -5.44 -10.88 17.32
C VAL B 334 -4.19 -10.81 16.46
N ILE B 335 -3.75 -11.96 15.97
CA ILE B 335 -2.57 -11.99 15.13
C ILE B 335 -3.01 -12.45 13.76
N LEU B 336 -2.71 -11.62 12.77
CA LEU B 336 -3.09 -11.86 11.38
C LEU B 336 -1.97 -12.65 10.66
N PHE B 337 -0.72 -12.31 10.94
CA PHE B 337 0.40 -13.22 10.63
C PHE B 337 1.69 -12.88 11.36
N GLY B 338 2.60 -13.84 11.36
CA GLY B 338 3.91 -13.71 11.99
C GLY B 338 4.11 -14.56 13.24
N GLU B 339 3.23 -15.52 13.48
CA GLU B 339 3.33 -16.36 14.67
C GLU B 339 2.59 -17.66 14.43
N GLY B 340 3.18 -18.75 14.90
CA GLY B 340 2.55 -20.07 14.83
C GLY B 340 2.19 -20.44 13.41
N GLU B 341 0.96 -20.91 13.24
CA GLU B 341 0.50 -21.39 11.93
C GLU B 341 0.09 -20.28 10.96
N VAL B 342 -0.15 -19.05 11.46
CA VAL B 342 -0.53 -17.94 10.58
C VAL B 342 0.72 -17.18 10.19
N THR B 343 1.10 -17.37 8.94
CA THR B 343 2.34 -16.84 8.41
C THR B 343 2.03 -16.10 7.13
N ALA B 344 2.92 -15.19 6.76
CA ALA B 344 2.79 -14.52 5.47
C ALA B 344 2.83 -15.53 4.33
N GLU B 345 3.60 -16.59 4.48
CA GLU B 345 3.73 -17.64 3.44
C GLU B 345 2.40 -18.36 3.23
N ARG B 346 1.66 -18.57 4.32
CA ARG B 346 0.40 -19.27 4.24
C ARG B 346 -0.57 -18.44 3.44
N ILE B 347 -0.66 -17.16 3.79
CA ILE B 347 -1.52 -16.22 3.09
C ILE B 347 -1.12 -16.16 1.62
N ALA B 348 0.18 -16.04 1.37
CA ALA B 348 0.69 -16.02 0.01
C ALA B 348 0.20 -17.24 -0.76
N LYS B 349 0.31 -18.41 -0.14
CA LYS B 349 -0.10 -19.64 -0.82
C LYS B 349 -1.58 -19.64 -1.09
N ASP B 350 -2.34 -19.13 -0.17
CA ASP B 350 -3.75 -19.04 -0.39
C ASP B 350 -4.08 -18.14 -1.57
N LEU B 351 -3.39 -17.00 -1.67
CA LEU B 351 -3.48 -16.07 -2.77
C LEU B 351 -2.92 -16.54 -4.11
N GLY B 352 -1.96 -17.44 -4.09
CA GLY B 352 -1.18 -17.73 -5.24
C GLY B 352 -0.21 -16.64 -5.55
N THR B 353 0.33 -16.02 -4.51
CA THR B 353 1.42 -15.08 -4.67
C THR B 353 2.53 -15.51 -3.72
N ILE B 354 3.38 -14.56 -3.33
CA ILE B 354 4.61 -14.87 -2.61
C ILE B 354 4.68 -14.01 -1.37
N ASN B 355 5.44 -14.49 -0.38
CA ASN B 355 5.59 -13.79 0.90
C ASN B 355 6.00 -12.32 0.76
N TYR B 356 6.86 -12.06 -0.22
CA TYR B 356 7.29 -10.70 -0.56
C TYR B 356 6.08 -9.75 -0.66
N GLU B 357 5.07 -10.16 -1.42
CA GLU B 357 3.90 -9.31 -1.68
C GLU B 357 3.07 -9.10 -0.42
N VAL B 358 2.91 -10.15 0.38
CA VAL B 358 2.11 -10.07 1.60
C VAL B 358 2.74 -9.06 2.57
N LEU B 359 4.06 -9.10 2.67
CA LEU B 359 4.78 -8.14 3.50
C LEU B 359 4.60 -6.69 3.04
N CYS B 360 4.63 -6.47 1.72
CA CYS B 360 4.58 -5.14 1.14
C CYS B 360 3.17 -4.57 1.12
N MET B 361 2.17 -5.44 1.28
CA MET B 361 0.76 -5.03 1.30
C MET B 361 0.36 -4.20 2.53
N ILE B 362 1.16 -4.23 3.59
CA ILE B 362 0.78 -3.56 4.82
C ILE B 362 0.67 -2.08 4.53
N SER B 363 -0.52 -1.51 4.71
CA SER B 363 -0.78 -0.17 4.19
C SER B 363 -0.32 0.95 5.13
N ARG B 364 -0.35 2.16 4.57
CA ARG B 364 0.07 3.38 5.24
C ARG B 364 -0.49 3.57 6.66
N ARG B 365 -1.79 3.33 6.85
CA ARG B 365 -2.42 3.63 8.13
C ARG B 365 -2.03 2.65 9.25
N VAL B 366 -1.38 1.54 8.88
CA VAL B 366 -0.90 0.59 9.87
C VAL B 366 0.39 1.07 10.50
N ASP B 367 0.31 1.54 11.74
CA ASP B 367 1.48 1.98 12.48
C ASP B 367 2.50 0.87 12.61
N ARG B 368 3.77 1.23 12.42
CA ARG B 368 4.86 0.30 12.66
C ARG B 368 5.26 0.54 14.08
N VAL B 369 5.26 -0.51 14.90
CA VAL B 369 5.78 -0.39 16.26
C VAL B 369 6.96 -1.34 16.40
N TYR B 370 8.05 -0.82 16.95
CA TYR B 370 9.29 -1.56 17.03
C TYR B 370 9.55 -2.05 18.44
N MET B 371 9.92 -3.31 18.52
CA MET B 371 10.17 -4.01 19.77
C MET B 371 11.64 -4.34 19.86
N GLU B 372 12.14 -4.44 21.09
CA GLU B 372 13.54 -4.66 21.34
C GLU B 372 13.68 -5.07 22.79
N ASN B 373 14.14 -6.27 23.05
CA ASN B 373 14.17 -6.78 24.40
C ASN B 373 12.78 -6.94 25.02
N ASN B 374 11.79 -7.15 24.19
CA ASN B 374 10.41 -7.28 24.65
C ASN B 374 9.80 -6.00 25.17
N GLU B 375 10.45 -4.90 24.92
CA GLU B 375 9.91 -3.62 25.22
C GLU B 375 9.54 -2.99 23.89
N LEU B 376 8.48 -2.23 23.87
CA LEU B 376 8.18 -1.33 22.77
C LEU B 376 9.15 -0.17 22.89
N VAL B 377 9.87 0.11 21.83
CA VAL B 377 10.84 1.21 21.86
C VAL B 377 10.46 2.37 20.94
N GLN B 378 9.46 2.19 20.07
CA GLN B 378 9.19 3.16 19.03
C GLN B 378 7.92 2.84 18.31
N ILE B 379 7.16 3.90 18.01
CA ILE B 379 5.92 3.79 17.27
C ILE B 379 5.94 4.84 16.19
N ASN B 380 5.76 4.40 14.96
CA ASN B 380 5.71 5.27 13.78
C ASN B 380 4.34 5.27 13.15
N SER B 381 3.73 6.45 13.10
CA SER B 381 2.52 6.65 12.33
C SER B 381 2.96 7.25 11.02
N TYR B 382 2.37 6.78 9.94
CA TYR B 382 2.64 7.37 8.64
C TYR B 382 1.59 8.42 8.26
N LEU B 383 0.71 8.75 9.21
CA LEU B 383 -0.27 9.83 9.04
C LEU B 383 0.01 11.09 9.87
N LEU B 384 0.66 10.94 11.03
CA LEU B 384 0.71 12.04 12.01
C LEU B 384 2.10 12.66 12.30
N1 DCS C . -21.12 4.19 5.87
C2 DCS C . -20.39 3.24 6.50
C2A DCS C . -20.68 2.96 7.96
C3 DCS C . -19.33 2.49 5.77
O3 DCS C . -18.61 1.53 6.42
C4 DCS C . -19.10 2.83 4.32
C4A DCS C . -18.08 2.13 3.41
C5 DCS C . -19.99 3.90 3.78
C6 DCS C . -20.94 4.52 4.59
C5A DCS C . -19.88 4.36 2.34
O4P DCS C . -20.06 3.24 1.46
P DCS C . -20.02 3.49 -0.10
O1P DCS C . -20.78 4.78 -0.26
O2P DCS C . -18.55 3.64 -0.37
O3P DCS C . -20.63 2.27 -0.72
N DCS C . -17.81 0.72 3.68
CA DCS C . -17.01 -0.11 2.77
C DCS C . -16.72 -1.53 3.20
O DCS C . -16.53 -1.86 4.36
ND DCS C . -16.77 -2.33 2.14
OG DCS C . -17.22 -1.70 1.06
CB DCS C . -17.64 -0.37 1.39
N1 DCS D . 18.62 -6.83 -6.31
C2 DCS D . 17.69 -6.46 -7.20
C2A DCS D . 18.13 -5.76 -8.46
C3 DCS D . 16.25 -6.75 -6.95
O3 DCS D . 15.31 -6.36 -7.86
C4 DCS D . 15.91 -7.45 -5.67
C4A DCS D . 14.51 -7.85 -5.23
C5 DCS D . 17.04 -7.81 -4.78
C6 DCS D . 18.33 -7.49 -5.16
C5A DCS D . 16.80 -8.53 -3.47
O4P DCS D . 16.20 -9.82 -3.69
P DCS D . 15.84 -10.76 -2.42
O1P DCS D . 17.17 -10.89 -1.69
O2P DCS D . 14.83 -9.92 -1.69
O3P DCS D . 15.32 -12.05 -3.04
N DCS D . 13.46 -7.64 -6.19
CA DCS D . 12.08 -7.98 -5.85
C DCS D . 11.22 -8.04 -7.06
O DCS D . 11.36 -7.25 -7.97
ND DCS D . 10.39 -9.07 -6.97
OG DCS D . 10.62 -9.80 -5.88
CB DCS D . 11.82 -9.35 -5.22
#